data_2XH1
#
_entry.id   2XH1
#
_cell.length_a   98.323
_cell.length_b   152.857
_cell.length_c   60.800
_cell.angle_alpha   90.00
_cell.angle_beta   90.00
_cell.angle_gamma   90.00
#
_symmetry.space_group_name_H-M   'P 21 21 2'
#
loop_
_entity.id
_entity.type
_entity.pdbx_description
1 polymer 'KYNURENINE/ALPHA-AMINOADIPATE AMINOTRANSFERASE, MITOCHONDRIAL'
2 non-polymer (3S)-10-(4-AMINOPIPERAZIN-1-YL)-9-FLUORO-7-HYDROXY-3-METHYL-2,3-DIHYDRO-8H-[1,4]OXAZINO[2,3,4-IJ]QUINOLINE-6-CARBOXYLATE
3 non-polymer "PYRIDOXAL-5'-PHOSPHATE"
4 non-polymer 'IODIDE ION'
5 non-polymer GLYCEROL
6 water water
#
_entity_poly.entity_id   1
_entity_poly.type   'polypeptide(L)'
_entity_poly.pdbx_seq_one_letter_code
;ENYARFITAASAARNPSPIRTMTDILSRGPKSMISLAGGLPNPNMFPFKTAVITVENGKTIQFGEEMMKRALQYSPSAGI
PELLSWLKQLQIKLHNPPTIHYPPSQGQMDLCVTSGSQQGLCKVFEMIINPGDNVLLDEPAYSGTLQSLHPLGCNIINVA
SDESGIVPDSLRDILSRWKPEDAKNPQKNTPKFLYTVPNGNNPTGNSLTSERKKEIYELARKYDFLIIEDDPYYFLQFNK
FRVPTFLSMDVDGRVIRADSFSKIISSGLRIGFLTGPKPLIERVILHIQVSTLHPSTFNQLMISQLLHEWGEEGFMAHVD
RVIDFYSNQKDAILAAADKWLTGLAEWHVPAAGMFLWIKVKGINDVKELIEEKAVKMGVLMLPGNAFYVDSSAPSPYLRA
SFSSASPEQMDVAFQVLAQLIKESL
;
_entity_poly.pdbx_strand_id   A,B
#
# COMPACT_ATOMS: atom_id res chain seq x y z
N GLU A 1 -8.66 -27.88 3.69
CA GLU A 1 -7.60 -27.19 2.86
C GLU A 1 -8.04 -26.98 1.42
N ASN A 2 -9.26 -26.47 1.31
CA ASN A 2 -9.48 -25.25 0.58
C ASN A 2 -9.49 -24.27 1.79
N TYR A 3 -9.48 -23.01 1.48
CA TYR A 3 -9.22 -22.00 2.45
C TYR A 3 -10.42 -21.07 2.46
N ALA A 4 -11.42 -21.41 1.64
CA ALA A 4 -12.63 -20.60 1.45
C ALA A 4 -13.30 -20.18 2.74
N ARG A 5 -13.42 -21.09 3.71
CA ARG A 5 -14.12 -20.78 4.95
C ARG A 5 -13.41 -19.70 5.72
N PHE A 6 -12.16 -19.41 5.38
CA PHE A 6 -11.41 -18.42 6.16
C PHE A 6 -11.60 -17.02 5.68
N ILE A 7 -12.07 -16.88 4.45
CA ILE A 7 -12.03 -15.60 3.80
C ILE A 7 -13.42 -14.99 3.54
N THR A 8 -13.41 -13.68 3.23
CA THR A 8 -14.62 -12.93 2.99
C THR A 8 -15.11 -13.13 1.56
N ALA A 9 -16.38 -12.86 1.35
CA ALA A 9 -16.97 -12.80 0.02
C ALA A 9 -16.19 -11.84 -0.91
N ALA A 10 -15.79 -10.66 -0.40
CA ALA A 10 -15.07 -9.72 -1.25
C ALA A 10 -13.73 -10.33 -1.69
N SER A 11 -13.03 -10.95 -0.72
CA SER A 11 -11.75 -11.51 -1.06
C SER A 11 -11.93 -12.60 -2.08
N ALA A 12 -12.91 -13.47 -1.88
CA ALA A 12 -13.13 -14.60 -2.78
C ALA A 12 -13.55 -14.10 -4.18
N ALA A 13 -14.14 -12.90 -4.26
CA ALA A 13 -14.62 -12.38 -5.54
C ALA A 13 -13.51 -11.88 -6.41
N ARG A 14 -12.30 -11.72 -5.86
CA ARG A 14 -11.24 -11.04 -6.59
C ARG A 14 -10.78 -11.92 -7.74
N ASN A 15 -10.45 -11.30 -8.86
CA ASN A 15 -10.06 -12.00 -10.08
C ASN A 15 -8.78 -11.39 -10.57
N PRO A 16 -7.90 -12.23 -11.17
CA PRO A 16 -6.72 -11.72 -11.86
C PRO A 16 -7.16 -10.94 -13.08
N SER A 17 -6.39 -9.94 -13.48
CA SER A 17 -6.79 -9.10 -14.61
C SER A 17 -6.83 -9.91 -15.89
N PRO A 18 -7.71 -9.49 -16.83
CA PRO A 18 -7.72 -10.08 -18.18
C PRO A 18 -6.55 -9.46 -18.97
N ILE A 19 -5.58 -8.96 -18.19
CA ILE A 19 -4.45 -8.13 -18.61
C ILE A 19 -4.87 -6.92 -19.48
N MET A 33 10.54 -9.01 -30.93
CA MET A 33 9.09 -8.81 -30.84
C MET A 33 8.73 -7.34 -30.84
N ILE A 34 7.56 -7.01 -31.39
CA ILE A 34 7.00 -5.66 -31.25
C ILE A 34 5.71 -5.66 -30.41
N SER A 35 5.81 -5.07 -29.22
CA SER A 35 4.70 -4.95 -28.26
C SER A 35 4.04 -3.57 -28.33
N LEU A 36 2.78 -3.54 -28.75
CA LEU A 36 1.95 -2.33 -28.60
C LEU A 36 0.86 -2.53 -27.54
N ALA A 37 0.96 -3.63 -26.79
CA ALA A 37 -0.14 -4.10 -25.96
C ALA A 37 -0.01 -3.64 -24.52
N GLY A 38 1.08 -2.96 -24.21
CA GLY A 38 1.44 -2.72 -22.85
C GLY A 38 1.11 -1.33 -22.50
N GLY A 39 1.10 -1.03 -21.20
CA GLY A 39 0.76 0.31 -20.71
C GLY A 39 1.91 1.08 -20.09
N LEU A 40 3.13 0.72 -20.45
CA LEU A 40 4.34 1.27 -19.85
C LEU A 40 4.63 2.68 -20.34
N PRO A 41 4.72 3.65 -19.44
CA PRO A 41 5.22 4.92 -19.93
C PRO A 41 6.65 4.73 -20.47
N ASN A 42 7.08 5.63 -21.36
CA ASN A 42 8.45 5.59 -21.85
C ASN A 42 9.40 6.04 -20.75
N PRO A 43 10.32 5.14 -20.32
CA PRO A 43 11.18 5.43 -19.18
C PRO A 43 12.33 6.35 -19.53
N ASN A 44 12.58 6.52 -20.84
CA ASN A 44 13.53 7.51 -21.32
C ASN A 44 13.10 8.94 -21.01
N MET A 45 11.83 9.12 -20.70
CA MET A 45 11.31 10.43 -20.33
C MET A 45 11.58 10.75 -18.85
N PHE A 46 11.87 9.72 -18.06
CA PHE A 46 12.17 9.93 -16.63
C PHE A 46 13.49 10.69 -16.47
N PRO A 47 13.54 11.67 -15.57
CA PRO A 47 14.70 12.57 -15.41
C PRO A 47 15.95 11.98 -14.72
N PHE A 48 15.76 10.98 -13.86
CA PHE A 48 16.84 10.29 -13.13
C PHE A 48 17.51 9.30 -14.04
N LYS A 49 18.84 9.35 -14.13
CA LYS A 49 19.56 8.54 -15.13
C LYS A 49 20.47 7.41 -14.60
N THR A 50 21.19 7.62 -13.50
CA THR A 50 22.00 6.54 -12.92
C THR A 50 21.96 6.75 -11.43
N ALA A 51 22.44 5.75 -10.68
CA ALA A 51 22.49 5.86 -9.23
C ALA A 51 23.59 4.98 -8.68
N VAL A 52 24.19 5.49 -7.61
CA VAL A 52 25.23 4.80 -6.91
C VAL A 52 24.92 4.90 -5.41
N ILE A 53 24.87 3.74 -4.74
CA ILE A 53 24.60 3.70 -3.32
C ILE A 53 25.70 2.94 -2.65
N THR A 54 26.35 3.55 -1.70
CA THR A 54 27.43 2.85 -1.04
C THR A 54 26.89 1.93 0.06
N VAL A 55 27.62 0.85 0.34
CA VAL A 55 27.25 -0.11 1.37
C VAL A 55 28.45 -0.22 2.35
N GLU A 56 28.22 -0.07 3.67
CA GLU A 56 29.34 -0.03 4.64
C GLU A 56 30.16 -1.30 4.57
N ASN A 57 31.45 -1.17 4.29
CA ASN A 57 32.33 -2.33 4.08
C ASN A 57 31.71 -3.40 3.16
N GLY A 58 31.09 -2.94 2.06
CA GLY A 58 30.38 -3.81 1.17
C GLY A 58 30.55 -3.35 -0.27
N LYS A 59 29.93 -4.07 -1.19
CA LYS A 59 29.98 -3.73 -2.62
C LYS A 59 29.04 -2.57 -2.93
N THR A 60 29.53 -1.54 -3.61
CA THR A 60 28.59 -0.50 -3.95
C THR A 60 27.51 -0.99 -4.91
N ILE A 61 26.30 -0.43 -4.73
CA ILE A 61 25.17 -0.76 -5.59
C ILE A 61 25.12 0.29 -6.68
N GLN A 62 25.15 -0.16 -7.92
CA GLN A 62 25.23 0.78 -9.05
C GLN A 62 24.03 0.48 -9.97
N PHE A 63 23.24 1.49 -10.30
CA PHE A 63 22.29 1.34 -11.37
C PHE A 63 22.82 2.14 -12.58
N GLY A 64 23.34 1.44 -13.59
CA GLY A 64 23.73 2.06 -14.85
C GLY A 64 22.48 2.41 -15.65
N GLU A 65 22.65 2.81 -16.91
CA GLU A 65 21.54 3.37 -17.67
C GLU A 65 20.34 2.46 -17.81
N GLU A 66 20.55 1.22 -18.25
CA GLU A 66 19.44 0.27 -18.42
C GLU A 66 18.82 -0.18 -17.10
N MET A 67 19.65 -0.33 -16.08
CA MET A 67 19.17 -0.80 -14.79
C MET A 67 18.28 0.25 -14.13
N MET A 68 18.68 1.53 -14.25
CA MET A 68 17.88 2.65 -13.76
C MET A 68 16.48 2.73 -14.43
N LYS A 69 16.42 2.59 -15.75
CA LYS A 69 15.13 2.52 -16.42
C LYS A 69 14.24 1.38 -15.86
N ARG A 70 14.82 0.21 -15.57
CA ARG A 70 14.07 -0.85 -14.93
C ARG A 70 13.60 -0.47 -13.51
N ALA A 71 14.49 0.15 -12.74
CA ALA A 71 14.18 0.57 -11.39
C ALA A 71 13.03 1.58 -11.36
N LEU A 72 12.92 2.39 -12.40
CA LEU A 72 11.98 3.51 -12.41
C LEU A 72 10.65 3.13 -13.10
N GLN A 73 10.53 1.87 -13.51
CA GLN A 73 9.39 1.36 -14.27
C GLN A 73 8.53 0.38 -13.45
N TYR A 74 7.24 0.28 -13.80
CA TYR A 74 6.35 -0.79 -13.28
C TYR A 74 7.04 -2.18 -13.24
N SER A 75 6.66 -3.01 -12.26
CA SER A 75 7.14 -4.38 -12.13
C SER A 75 6.08 -5.33 -11.52
N PRO A 76 6.39 -6.64 -11.35
CA PRO A 76 5.34 -7.58 -10.97
C PRO A 76 4.75 -7.29 -9.60
N SER A 77 3.43 -7.46 -9.47
CA SER A 77 2.72 -7.23 -8.19
C SER A 77 3.28 -7.97 -6.98
N ALA A 78 3.62 -9.25 -7.14
CA ALA A 78 4.22 -10.06 -6.03
C ALA A 78 5.66 -9.66 -5.69
N GLY A 79 6.32 -8.83 -6.50
CA GLY A 79 7.76 -8.58 -6.27
C GLY A 79 8.62 -8.95 -7.49
N ILE A 80 9.83 -8.43 -7.54
CA ILE A 80 10.76 -8.70 -8.63
C ILE A 80 11.30 -10.12 -8.50
N PRO A 81 11.53 -10.81 -9.63
CA PRO A 81 11.81 -12.24 -9.51
C PRO A 81 13.07 -12.59 -8.73
N GLU A 82 14.11 -11.77 -8.80
CA GLU A 82 15.34 -12.14 -8.12
C GLU A 82 15.24 -11.98 -6.62
N LEU A 83 14.47 -10.99 -6.16
CA LEU A 83 14.22 -10.88 -4.73
C LEU A 83 13.32 -12.03 -4.20
N LEU A 84 12.28 -12.40 -4.94
CA LEU A 84 11.40 -13.49 -4.52
C LEU A 84 12.16 -14.83 -4.47
N SER A 85 13.05 -15.11 -5.44
CA SER A 85 13.82 -16.38 -5.36
C SER A 85 14.79 -16.37 -4.22
N TRP A 86 15.46 -15.26 -4.00
CA TRP A 86 16.35 -15.17 -2.85
C TRP A 86 15.63 -15.39 -1.51
N LEU A 87 14.48 -14.71 -1.36
CA LEU A 87 13.70 -14.84 -0.10
C LEU A 87 13.16 -16.24 0.05
N LYS A 88 12.78 -16.90 -1.05
CA LYS A 88 12.28 -18.27 -0.96
C LYS A 88 13.37 -19.22 -0.42
N GLN A 89 14.59 -19.08 -0.93
CA GLN A 89 15.75 -19.83 -0.44
C GLN A 89 16.12 -19.47 0.99
N LEU A 90 16.09 -18.19 1.37
CA LEU A 90 16.17 -17.84 2.81
C LEU A 90 15.13 -18.58 3.68
N GLN A 91 13.87 -18.56 3.26
CA GLN A 91 12.83 -19.23 4.07
C GLN A 91 13.08 -20.72 4.17
N ILE A 92 13.44 -21.32 3.05
CA ILE A 92 13.76 -22.76 3.03
C ILE A 92 14.90 -23.14 3.99
N LYS A 93 16.00 -22.39 3.94
CA LYS A 93 17.17 -22.61 4.81
C LYS A 93 16.92 -22.37 6.28
N LEU A 94 16.19 -21.34 6.62
CA LEU A 94 15.93 -21.04 8.05
C LEU A 94 14.83 -21.91 8.69
N HIS A 95 13.78 -22.24 7.93
CA HIS A 95 12.51 -22.81 8.46
C HIS A 95 12.12 -24.15 7.81
N ASN A 96 12.74 -24.50 6.69
CA ASN A 96 12.38 -25.71 5.92
C ASN A 96 10.92 -26.08 6.09
N PRO A 97 9.98 -25.23 5.60
CA PRO A 97 8.56 -25.53 5.88
C PRO A 97 8.11 -26.82 5.17
N PRO A 98 7.34 -27.67 5.87
CA PRO A 98 6.87 -28.97 5.36
C PRO A 98 6.08 -28.80 4.05
N THR A 99 5.61 -27.58 3.87
CA THR A 99 4.61 -27.21 2.95
C THR A 99 5.19 -26.92 1.52
N ILE A 100 6.52 -26.86 1.40
CA ILE A 100 7.10 -26.61 0.09
C ILE A 100 6.81 -27.73 -0.93
N HIS A 101 6.55 -28.94 -0.46
CA HIS A 101 6.31 -30.05 -1.35
C HIS A 101 4.82 -30.32 -1.62
N TYR A 102 3.93 -29.51 -1.02
CA TYR A 102 2.47 -29.70 -1.23
C TYR A 102 1.98 -29.13 -2.57
N PRO A 103 0.86 -29.64 -3.12
CA PRO A 103 0.17 -28.99 -4.24
C PRO A 103 -0.38 -27.61 -3.80
N PRO A 104 -0.59 -26.68 -4.74
CA PRO A 104 -1.16 -25.34 -4.46
C PRO A 104 -2.40 -25.39 -3.55
N SER A 105 -3.40 -26.19 -3.92
CA SER A 105 -4.66 -26.22 -3.16
C SER A 105 -4.50 -26.69 -1.72
N GLN A 106 -3.47 -27.52 -1.46
CA GLN A 106 -3.24 -28.04 -0.11
C GLN A 106 -2.33 -27.12 0.68
N GLY A 107 -2.00 -25.96 0.07
CA GLY A 107 -1.31 -24.89 0.84
C GLY A 107 0.20 -24.83 0.60
N GLN A 108 0.62 -25.15 -0.61
CA GLN A 108 2.05 -25.01 -0.99
C GLN A 108 2.62 -23.67 -0.53
N MET A 109 3.83 -23.69 0.04
CA MET A 109 4.53 -22.46 0.42
C MET A 109 4.67 -21.46 -0.72
N ASP A 110 4.25 -20.21 -0.48
CA ASP A 110 4.43 -19.15 -1.44
C ASP A 110 4.79 -17.85 -0.69
N LEU A 111 5.25 -16.83 -1.41
CA LEU A 111 5.81 -15.61 -0.80
C LEU A 111 5.39 -14.43 -1.67
N CYS A 112 5.28 -13.24 -1.09
CA CYS A 112 5.21 -12.02 -1.85
C CYS A 112 5.84 -10.91 -1.06
N VAL A 113 6.46 -9.97 -1.77
CA VAL A 113 7.10 -8.80 -1.18
C VAL A 113 5.94 -7.83 -0.96
N THR A 114 5.94 -7.16 0.19
CA THR A 114 4.91 -6.20 0.52
C THR A 114 5.62 -4.87 0.87
N SER A 115 4.83 -3.80 0.85
CA SER A 115 5.32 -2.47 1.19
C SER A 115 5.35 -2.32 2.69
N GLY A 116 6.36 -2.97 3.31
CA GLY A 116 6.46 -3.20 4.73
C GLY A 116 5.69 -4.44 5.16
N SER A 117 6.01 -5.00 6.32
CA SER A 117 5.25 -6.12 6.84
C SER A 117 3.80 -5.73 7.28
N GLN A 118 3.60 -4.47 7.68
CA GLN A 118 2.25 -3.97 8.02
C GLN A 118 1.24 -4.12 6.87
N GLN A 119 1.70 -3.92 5.63
CA GLN A 119 0.80 -4.04 4.54
C GLN A 119 0.30 -5.48 4.42
N GLY A 120 1.24 -6.43 4.48
CA GLY A 120 0.93 -7.86 4.50
C GLY A 120 -0.12 -8.19 5.55
N LEU A 121 0.13 -7.82 6.80
CA LEU A 121 -0.81 -8.06 7.91
C LEU A 121 -2.19 -7.45 7.68
N CYS A 122 -2.19 -6.18 7.23
CA CYS A 122 -3.45 -5.48 7.02
C CYS A 122 -4.25 -6.21 5.94
N LYS A 123 -3.58 -6.58 4.85
CA LYS A 123 -4.26 -7.29 3.77
C LYS A 123 -4.79 -8.70 4.21
N VAL A 124 -4.02 -9.39 5.07
CA VAL A 124 -4.46 -10.67 5.64
C VAL A 124 -5.69 -10.49 6.54
N PHE A 125 -5.66 -9.52 7.46
CA PHE A 125 -6.84 -9.24 8.31
C PHE A 125 -8.09 -8.94 7.47
N GLU A 126 -7.94 -8.11 6.45
CA GLU A 126 -9.03 -7.71 5.55
C GLU A 126 -9.52 -8.93 4.75
N MET A 127 -8.61 -9.76 4.33
CA MET A 127 -9.00 -11.02 3.63
C MET A 127 -9.91 -11.93 4.49
N ILE A 128 -9.67 -11.96 5.78
CA ILE A 128 -10.28 -12.99 6.59
C ILE A 128 -11.54 -12.54 7.34
N ILE A 129 -11.57 -11.29 7.82
CA ILE A 129 -12.52 -10.92 8.88
C ILE A 129 -13.86 -10.38 8.39
N ASN A 130 -14.94 -11.06 8.80
CA ASN A 130 -16.30 -10.54 8.72
C ASN A 130 -16.69 -9.93 10.07
N PRO A 131 -17.63 -8.95 10.05
CA PRO A 131 -18.20 -8.43 11.31
C PRO A 131 -18.67 -9.57 12.23
N GLY A 132 -18.24 -9.60 13.49
CA GLY A 132 -18.68 -10.65 14.41
C GLY A 132 -17.74 -11.85 14.57
N ASP A 133 -16.73 -11.96 13.69
CA ASP A 133 -15.80 -13.08 13.71
C ASP A 133 -15.03 -13.00 15.02
N ASN A 134 -14.63 -14.16 15.52
CA ASN A 134 -13.83 -14.21 16.75
C ASN A 134 -12.36 -14.34 16.34
N VAL A 135 -11.49 -13.54 16.95
CA VAL A 135 -10.04 -13.69 16.74
C VAL A 135 -9.38 -13.70 18.06
N LEU A 136 -8.32 -14.49 18.19
CA LEU A 136 -7.56 -14.60 19.45
C LEU A 136 -6.23 -13.88 19.33
N LEU A 137 -5.82 -13.20 20.39
CA LEU A 137 -4.46 -12.67 20.53
C LEU A 137 -4.16 -12.42 21.99
N ASP A 138 -2.91 -12.17 22.32
CA ASP A 138 -2.51 -11.88 23.70
C ASP A 138 -2.30 -10.38 23.84
N GLU A 139 -3.03 -9.73 24.76
CA GLU A 139 -2.77 -8.32 25.15
C GLU A 139 -1.80 -8.31 26.37
N PRO A 140 -0.90 -7.31 26.47
CA PRO A 140 -0.72 -6.19 25.56
C PRO A 140 -0.17 -6.59 24.18
N ALA A 141 -0.68 -5.90 23.18
CA ALA A 141 -0.44 -6.23 21.77
C ALA A 141 0.01 -4.97 20.99
N TYR A 142 0.71 -5.17 19.88
CA TYR A 142 1.14 -4.03 19.05
C TYR A 142 -0.06 -3.11 18.69
N SER A 143 0.08 -1.80 18.86
CA SER A 143 -1.13 -0.96 18.67
C SER A 143 -1.58 -0.87 17.22
N GLY A 144 -0.64 -1.01 16.27
CA GLY A 144 -0.98 -0.87 14.84
C GLY A 144 -1.88 -2.05 14.44
N THR A 145 -1.67 -3.20 15.07
CA THR A 145 -2.55 -4.35 14.91
C THR A 145 -3.93 -4.13 15.52
N LEU A 146 -3.99 -3.66 16.76
CA LEU A 146 -5.32 -3.34 17.35
C LEU A 146 -6.07 -2.29 16.52
N GLN A 147 -5.34 -1.33 15.93
CA GLN A 147 -5.99 -0.25 15.18
C GLN A 147 -6.48 -0.75 13.84
N SER A 148 -5.80 -1.78 13.34
CA SER A 148 -6.20 -2.41 12.10
C SER A 148 -7.44 -3.26 12.30
N LEU A 149 -7.55 -3.91 13.48
CA LEU A 149 -8.64 -4.89 13.75
C LEU A 149 -9.93 -4.17 14.14
N HIS A 150 -9.77 -3.07 14.86
CA HIS A 150 -10.93 -2.32 15.39
C HIS A 150 -12.04 -2.04 14.38
N PRO A 151 -11.76 -1.36 13.26
CA PRO A 151 -12.86 -1.12 12.32
C PRO A 151 -13.42 -2.31 11.58
N LEU A 152 -12.79 -3.51 11.69
CA LEU A 152 -13.31 -4.68 11.00
C LEU A 152 -14.49 -5.36 11.77
N GLY A 153 -14.76 -4.92 13.00
CA GLY A 153 -15.93 -5.47 13.76
C GLY A 153 -15.75 -6.90 14.32
N CYS A 154 -14.53 -7.37 14.49
CA CYS A 154 -14.36 -8.67 15.13
C CYS A 154 -14.44 -8.55 16.64
N ASN A 155 -14.74 -9.68 17.29
CA ASN A 155 -14.50 -9.81 18.69
C ASN A 155 -13.08 -10.28 18.86
N ILE A 156 -12.30 -9.47 19.58
CA ILE A 156 -10.95 -9.84 19.95
C ILE A 156 -11.01 -10.46 21.33
N ILE A 157 -10.50 -11.69 21.44
CA ILE A 157 -10.52 -12.44 22.67
C ILE A 157 -9.10 -12.56 23.24
N ASN A 158 -8.91 -12.06 24.45
CA ASN A 158 -7.57 -11.99 25.03
C ASN A 158 -7.17 -13.38 25.52
N VAL A 159 -6.01 -13.86 25.11
CA VAL A 159 -5.42 -15.06 25.71
C VAL A 159 -4.32 -14.63 26.70
N ALA A 160 -4.31 -15.22 27.90
CA ALA A 160 -3.32 -14.83 28.94
C ALA A 160 -1.91 -15.08 28.50
N SER A 161 -0.98 -14.26 29.00
CA SER A 161 0.42 -14.45 28.70
C SER A 161 1.30 -14.15 29.91
N ASP A 162 2.57 -14.54 29.85
CA ASP A 162 3.50 -14.20 30.92
C ASP A 162 4.88 -13.99 30.28
N GLU A 163 5.96 -14.18 31.05
CA GLU A 163 7.33 -13.87 30.55
C GLU A 163 7.72 -14.77 29.42
N SER A 164 7.06 -15.92 29.29
CA SER A 164 7.36 -16.82 28.16
C SER A 164 6.34 -16.75 27.05
N GLY A 165 5.58 -15.66 26.97
CA GLY A 165 4.52 -15.47 25.95
C GLY A 165 3.16 -16.07 26.36
N ILE A 166 2.30 -16.32 25.36
CA ILE A 166 1.01 -17.02 25.49
C ILE A 166 1.15 -18.30 26.33
N VAL A 167 0.21 -18.50 27.23
CA VAL A 167 0.16 -19.63 28.13
C VAL A 167 -0.79 -20.64 27.48
N PRO A 168 -0.26 -21.79 27.01
CA PRO A 168 -1.10 -22.74 26.27
C PRO A 168 -2.34 -23.16 27.05
N ASP A 169 -2.19 -23.32 28.37
CA ASP A 169 -3.32 -23.64 29.21
C ASP A 169 -4.48 -22.62 29.21
N SER A 170 -4.18 -21.32 29.17
CA SER A 170 -5.23 -20.31 29.00
C SER A 170 -5.85 -20.35 27.60
N LEU A 171 -5.04 -20.57 26.55
CA LEU A 171 -5.61 -20.76 25.21
C LEU A 171 -6.55 -21.96 25.23
N ARG A 172 -6.13 -23.02 25.90
CA ARG A 172 -6.88 -24.26 25.93
C ARG A 172 -8.25 -24.03 26.54
N ASP A 173 -8.29 -23.31 27.64
CA ASP A 173 -9.54 -23.12 28.30
C ASP A 173 -10.46 -22.03 27.67
N ILE A 174 -9.86 -21.07 26.96
CA ILE A 174 -10.62 -20.14 26.11
C ILE A 174 -11.25 -20.94 25.02
N LEU A 175 -10.46 -21.79 24.37
CA LEU A 175 -11.01 -22.55 23.25
C LEU A 175 -12.11 -23.56 23.68
N SER A 176 -12.10 -23.97 24.95
CA SER A 176 -13.09 -24.98 25.37
C SER A 176 -14.56 -24.50 25.30
N ARG A 177 -14.79 -23.21 25.05
CA ARG A 177 -16.13 -22.73 24.75
C ARG A 177 -16.71 -23.08 23.39
N TRP A 178 -15.84 -23.56 22.49
CA TRP A 178 -16.24 -24.01 21.15
C TRP A 178 -16.10 -25.52 21.04
N LYS A 179 -16.76 -26.11 20.06
CA LYS A 179 -16.63 -27.51 19.72
C LYS A 179 -15.64 -27.63 18.56
N PRO A 180 -14.64 -28.55 18.61
CA PRO A 180 -13.74 -28.72 17.44
C PRO A 180 -14.52 -29.03 16.16
N GLU A 181 -15.61 -29.80 16.28
CA GLU A 181 -16.46 -30.13 15.13
C GLU A 181 -17.26 -29.01 14.51
N ASP A 182 -17.30 -27.86 15.15
CA ASP A 182 -17.95 -26.68 14.58
C ASP A 182 -17.01 -25.87 13.70
N ALA A 183 -15.70 -26.17 13.76
CA ALA A 183 -14.76 -25.40 12.92
C ALA A 183 -15.19 -25.32 11.43
N LYS A 184 -15.53 -26.44 10.82
CA LYS A 184 -15.89 -26.44 9.39
C LYS A 184 -17.35 -26.22 9.12
N ASN A 185 -18.14 -25.96 10.18
CA ASN A 185 -19.54 -25.54 10.04
C ASN A 185 -19.67 -24.02 9.77
N PRO A 186 -20.17 -23.64 8.59
CA PRO A 186 -20.10 -22.21 8.27
C PRO A 186 -21.00 -21.30 9.16
N GLN A 187 -21.96 -21.89 9.89
CA GLN A 187 -22.93 -21.11 10.66
C GLN A 187 -22.53 -21.08 12.15
N LYS A 188 -21.32 -21.54 12.45
CA LYS A 188 -20.76 -21.52 13.80
C LYS A 188 -19.48 -20.69 13.84
N ASN A 189 -19.36 -19.82 14.84
CA ASN A 189 -18.42 -18.71 14.81
C ASN A 189 -17.15 -19.04 15.60
N THR A 190 -16.59 -20.22 15.33
CA THR A 190 -15.30 -20.62 15.87
C THR A 190 -14.22 -19.62 15.39
N PRO A 191 -13.16 -19.41 16.19
CA PRO A 191 -12.13 -18.38 15.81
C PRO A 191 -11.46 -18.60 14.48
N LYS A 192 -11.19 -17.49 13.79
CA LYS A 192 -10.60 -17.59 12.47
C LYS A 192 -9.08 -17.78 12.58
N PHE A 193 -8.48 -17.15 13.58
CA PHE A 193 -7.04 -17.18 13.70
C PHE A 193 -6.61 -16.75 15.08
N LEU A 194 -5.35 -17.09 15.36
CA LEU A 194 -4.63 -16.61 16.51
C LEU A 194 -3.46 -15.77 15.94
N TYR A 195 -3.29 -14.57 16.49
CA TYR A 195 -2.22 -13.66 16.03
C TYR A 195 -1.26 -13.62 17.21
N THR A 196 0.06 -13.73 16.98
CA THR A 196 1.06 -13.46 18.03
C THR A 196 2.34 -12.94 17.39
N VAL A 197 3.13 -12.28 18.22
CA VAL A 197 4.48 -11.84 17.89
C VAL A 197 5.38 -12.77 18.76
N PRO A 198 5.90 -13.83 18.17
CA PRO A 198 6.55 -14.84 19.03
C PRO A 198 7.88 -14.41 19.59
N ASN A 199 8.59 -13.45 18.97
CA ASN A 199 9.87 -12.99 19.50
C ASN A 199 9.82 -11.48 19.78
N GLY A 200 10.19 -11.10 20.99
CA GLY A 200 10.34 -9.71 21.37
C GLY A 200 9.04 -8.95 21.22
N ASN A 201 7.94 -9.53 21.68
CA ASN A 201 6.63 -8.90 21.50
C ASN A 201 6.71 -7.39 21.77
N ASN A 202 6.06 -6.62 20.93
CA ASN A 202 5.88 -5.22 21.21
C ASN A 202 4.50 -5.07 21.92
N PRO A 203 4.46 -4.55 23.18
CA PRO A 203 5.46 -3.80 23.93
C PRO A 203 6.26 -4.59 24.99
N THR A 204 5.91 -5.86 25.26
CA THR A 204 6.41 -6.51 26.49
C THR A 204 7.86 -6.97 26.44
N GLY A 205 8.40 -7.24 25.27
CA GLY A 205 9.74 -7.80 25.18
C GLY A 205 9.80 -9.31 25.29
N ASN A 206 8.66 -9.99 25.55
CA ASN A 206 8.66 -11.45 25.88
C ASN A 206 8.62 -12.32 24.63
N SER A 207 9.20 -13.52 24.73
CA SER A 207 9.28 -14.45 23.63
C SER A 207 8.69 -15.81 24.03
N LEU A 208 8.05 -16.48 23.08
CA LEU A 208 7.61 -17.87 23.22
C LEU A 208 8.75 -18.89 23.24
N THR A 209 8.63 -19.90 24.09
CA THR A 209 9.58 -21.04 24.09
C THR A 209 9.15 -22.05 23.05
N SER A 210 10.03 -23.00 22.75
CA SER A 210 9.75 -23.92 21.67
C SER A 210 8.61 -24.92 22.05
N GLU A 211 8.59 -25.32 23.33
CA GLU A 211 7.58 -26.24 23.88
C GLU A 211 6.15 -25.62 23.84
N ARG A 212 6.04 -24.36 24.22
CA ARG A 212 4.79 -23.63 24.04
C ARG A 212 4.25 -23.52 22.61
N LYS A 213 5.13 -23.22 21.64
CA LYS A 213 4.79 -23.24 20.22
C LYS A 213 4.15 -24.57 19.73
N LYS A 214 4.82 -25.69 20.00
CA LYS A 214 4.25 -27.00 19.72
C LYS A 214 2.87 -27.19 20.32
N GLU A 215 2.72 -26.91 21.61
CA GLU A 215 1.38 -26.94 22.27
C GLU A 215 0.30 -26.07 21.59
N ILE A 216 0.68 -24.86 21.25
CA ILE A 216 -0.24 -23.90 20.56
C ILE A 216 -0.57 -24.41 19.15
N TYR A 217 0.43 -24.96 18.46
CA TYR A 217 0.18 -25.53 17.15
C TYR A 217 -0.83 -26.69 17.18
N GLU A 218 -0.69 -27.58 18.16
CA GLU A 218 -1.66 -28.72 18.35
C GLU A 218 -3.08 -28.22 18.60
N LEU A 219 -3.21 -27.16 19.41
CA LEU A 219 -4.51 -26.48 19.61
C LEU A 219 -5.12 -25.89 18.34
N ALA A 220 -4.28 -25.25 17.52
CA ALA A 220 -4.72 -24.63 16.28
C ALA A 220 -5.20 -25.69 15.32
N ARG A 221 -4.54 -26.83 15.36
CA ARG A 221 -4.99 -27.98 14.59
C ARG A 221 -6.31 -28.59 15.13
N LYS A 222 -6.37 -28.81 16.44
CA LYS A 222 -7.59 -29.37 17.11
C LYS A 222 -8.85 -28.56 16.83
N TYR A 223 -8.74 -27.23 17.01
CA TYR A 223 -9.84 -26.27 16.71
C TYR A 223 -9.81 -25.66 15.30
N ASP A 224 -8.80 -26.05 14.54
CA ASP A 224 -8.69 -25.75 13.12
C ASP A 224 -8.76 -24.23 12.83
N PHE A 225 -7.82 -23.46 13.39
CA PHE A 225 -7.75 -22.04 13.03
C PHE A 225 -6.33 -21.71 12.43
N LEU A 226 -6.20 -20.55 11.80
CA LEU A 226 -4.89 -20.11 11.24
C LEU A 226 -4.05 -19.51 12.34
N ILE A 227 -2.73 -19.53 12.12
CA ILE A 227 -1.82 -18.83 13.01
C ILE A 227 -1.17 -17.75 12.17
N ILE A 228 -1.34 -16.52 12.62
CA ILE A 228 -0.61 -15.47 12.00
C ILE A 228 0.57 -15.02 12.85
N GLU A 229 1.74 -15.34 12.31
CA GLU A 229 3.01 -15.25 13.02
C GLU A 229 3.64 -13.94 12.55
N ASP A 230 3.54 -12.89 13.38
CA ASP A 230 4.03 -11.57 12.99
C ASP A 230 5.39 -11.50 13.66
N ASP A 231 6.50 -11.60 12.91
CA ASP A 231 7.82 -11.90 13.55
C ASP A 231 8.90 -10.88 13.12
N PRO A 232 8.63 -9.56 13.28
CA PRO A 232 9.58 -8.53 12.76
C PRO A 232 10.89 -8.47 13.56
N TYR A 233 10.91 -9.03 14.78
CA TYR A 233 12.15 -9.06 15.59
C TYR A 233 12.87 -10.43 15.56
N TYR A 234 12.41 -11.32 14.69
CA TYR A 234 13.03 -12.65 14.53
C TYR A 234 14.57 -12.64 14.49
N PHE A 235 15.14 -11.74 13.68
CA PHE A 235 16.61 -11.58 13.58
C PHE A 235 17.24 -10.74 14.70
N LEU A 236 16.47 -10.29 15.67
CA LEU A 236 17.03 -9.53 16.78
C LEU A 236 16.97 -10.24 18.12
N GLN A 237 17.37 -11.51 18.18
CA GLN A 237 17.27 -12.32 19.39
C GLN A 237 18.61 -12.28 20.13
N PHE A 238 18.59 -11.87 21.39
CA PHE A 238 19.85 -11.51 22.10
C PHE A 238 20.77 -12.66 22.47
N ASN A 239 20.21 -13.86 22.64
CA ASN A 239 21.07 -15.00 22.96
C ASN A 239 21.52 -15.78 21.69
N LYS A 240 21.17 -15.22 20.53
CA LYS A 240 21.71 -15.66 19.25
C LYS A 240 21.45 -17.14 18.94
N PHE A 241 20.55 -17.76 19.67
CA PHE A 241 20.02 -19.02 19.20
C PHE A 241 18.54 -18.81 18.92
N ARG A 242 18.11 -19.05 17.70
CA ARG A 242 16.69 -18.82 17.35
C ARG A 242 15.93 -20.14 17.38
N VAL A 243 14.88 -20.21 18.18
CA VAL A 243 14.12 -21.46 18.22
C VAL A 243 13.20 -21.55 17.01
N PRO A 244 12.76 -22.78 16.71
CA PRO A 244 11.91 -23.02 15.55
C PRO A 244 10.70 -22.12 15.50
N THR A 245 10.34 -21.73 14.29
CA THR A 245 9.19 -20.85 14.14
C THR A 245 7.91 -21.71 13.96
N PHE A 246 6.72 -21.11 14.08
CA PHE A 246 5.48 -21.80 13.69
C PHE A 246 5.51 -22.22 12.22
N LEU A 247 6.07 -21.40 11.34
CA LEU A 247 6.14 -21.79 9.92
C LEU A 247 6.93 -23.10 9.74
N SER A 248 8.02 -23.25 10.49
CA SER A 248 8.87 -24.49 10.43
C SER A 248 8.14 -25.79 10.81
N MET A 249 7.10 -25.69 11.62
CA MET A 249 6.36 -26.89 12.01
C MET A 249 4.98 -27.03 11.31
N ASP A 250 4.77 -26.24 10.26
CA ASP A 250 3.46 -26.10 9.70
C ASP A 250 3.08 -27.22 8.73
N VAL A 251 2.95 -28.41 9.25
CA VAL A 251 2.47 -29.60 8.50
C VAL A 251 1.09 -29.38 7.85
N ASP A 252 0.21 -28.63 8.50
CA ASP A 252 -1.15 -28.41 7.99
C ASP A 252 -1.29 -27.32 6.95
N GLY A 253 -0.28 -26.47 6.76
CA GLY A 253 -0.49 -25.28 5.93
C GLY A 253 -1.47 -24.29 6.57
N ARG A 254 -1.34 -24.06 7.87
CA ARG A 254 -2.26 -23.15 8.58
C ARG A 254 -1.56 -21.87 9.10
N VAL A 255 -0.29 -21.69 8.73
CA VAL A 255 0.51 -20.51 9.19
C VAL A 255 0.70 -19.49 8.07
N ILE A 256 0.45 -18.23 8.42
CA ILE A 256 0.85 -17.13 7.58
C ILE A 256 1.85 -16.32 8.41
N ARG A 257 3.00 -15.97 7.80
CA ARG A 257 4.10 -15.39 8.54
C ARG A 257 4.49 -14.10 7.86
N ALA A 258 4.64 -13.05 8.67
CA ALA A 258 5.07 -11.75 8.21
C ALA A 258 6.52 -11.55 8.73
N ASP A 259 7.45 -11.28 7.82
CA ASP A 259 8.85 -10.95 8.16
C ASP A 259 9.08 -9.48 7.74
N SER A 260 9.98 -8.78 8.42
CA SER A 260 10.18 -7.35 8.14
C SER A 260 11.70 -7.12 7.99
N PHE A 261 12.07 -6.21 7.12
CA PHE A 261 13.43 -5.72 7.04
C PHE A 261 13.58 -4.40 7.77
N SER A 262 12.51 -3.89 8.37
CA SER A 262 12.54 -2.53 8.92
C SER A 262 13.51 -2.37 10.11
N LYS A 263 13.67 -3.45 10.86
CA LYS A 263 14.48 -3.37 12.04
C LYS A 263 15.92 -3.71 11.77
N ILE A 264 16.22 -4.44 10.69
CA ILE A 264 17.63 -4.77 10.37
C ILE A 264 18.21 -4.09 9.12
N ILE A 265 17.39 -3.70 8.15
CA ILE A 265 17.91 -3.13 6.91
C ILE A 265 17.48 -1.68 6.61
N SER A 266 16.17 -1.42 6.68
CA SER A 266 15.64 -0.06 6.56
C SER A 266 14.11 -0.02 6.74
N SER A 267 13.64 0.85 7.61
CA SER A 267 12.21 1.03 7.81
C SER A 267 11.62 1.92 6.73
N GLY A 268 12.39 2.92 6.28
CA GLY A 268 11.91 3.91 5.31
C GLY A 268 11.76 3.38 3.90
N LEU A 269 12.34 2.23 3.59
CA LEU A 269 12.24 1.73 2.23
C LEU A 269 10.92 1.04 1.98
N ARG A 270 10.21 0.68 3.07
CA ARG A 270 8.92 0.00 2.98
C ARG A 270 9.02 -1.30 2.17
N ILE A 271 9.81 -2.26 2.64
CA ILE A 271 9.93 -3.59 1.97
C ILE A 271 9.83 -4.64 3.10
N GLY A 272 8.85 -5.54 3.02
CA GLY A 272 8.73 -6.65 3.98
C GLY A 272 8.28 -7.85 3.14
N PHE A 273 7.97 -8.99 3.74
CA PHE A 273 7.46 -10.07 2.92
C PHE A 273 6.57 -10.98 3.70
N LEU A 274 5.68 -11.63 2.98
CA LEU A 274 4.68 -12.50 3.58
C LEU A 274 4.90 -13.89 3.01
N THR A 275 4.86 -14.94 3.87
CA THR A 275 5.04 -16.36 3.46
C THR A 275 3.83 -17.16 3.98
N GLY A 276 3.24 -18.00 3.13
CA GLY A 276 2.16 -18.89 3.59
C GLY A 276 1.54 -19.70 2.46
N PRO A 277 0.33 -20.25 2.72
CA PRO A 277 -0.33 -21.15 1.76
C PRO A 277 -0.62 -20.36 0.51
N LYS A 278 -0.25 -20.94 -0.62
CA LYS A 278 -0.42 -20.28 -1.91
C LYS A 278 -1.83 -19.64 -2.17
N PRO A 279 -2.92 -20.35 -1.84
CA PRO A 279 -4.26 -19.78 -2.12
C PRO A 279 -4.52 -18.47 -1.38
N LEU A 280 -3.99 -18.36 -0.16
CA LEU A 280 -4.15 -17.18 0.67
C LEU A 280 -3.21 -16.05 0.24
N ILE A 281 -1.96 -16.41 -0.02
CA ILE A 281 -1.03 -15.46 -0.66
C ILE A 281 -1.55 -14.87 -1.98
N GLU A 282 -2.12 -15.72 -2.82
CA GLU A 282 -2.75 -15.30 -4.07
C GLU A 282 -3.89 -14.29 -3.82
N ARG A 283 -4.73 -14.47 -2.78
CA ARG A 283 -5.73 -13.45 -2.39
C ARG A 283 -5.13 -12.12 -2.04
N VAL A 284 -4.02 -12.16 -1.31
CA VAL A 284 -3.31 -10.95 -0.90
C VAL A 284 -2.72 -10.23 -2.12
N ILE A 285 -2.09 -11.01 -2.99
CA ILE A 285 -1.49 -10.45 -4.22
C ILE A 285 -2.57 -9.76 -5.06
N LEU A 286 -3.77 -10.34 -5.12
CA LEU A 286 -4.77 -9.79 -6.01
C LEU A 286 -5.26 -8.45 -5.43
N HIS A 287 -5.24 -8.32 -4.11
CA HIS A 287 -5.62 -7.07 -3.44
C HIS A 287 -4.54 -5.99 -3.66
N ILE A 288 -3.28 -6.37 -3.45
CA ILE A 288 -2.12 -5.50 -3.72
C ILE A 288 -2.17 -4.92 -5.16
N GLN A 289 -2.52 -5.79 -6.10
CA GLN A 289 -2.62 -5.46 -7.50
C GLN A 289 -3.59 -4.32 -7.81
N VAL A 290 -4.63 -4.15 -7.01
CA VAL A 290 -5.57 -3.05 -7.22
C VAL A 290 -5.34 -1.91 -6.24
N SER A 291 -4.32 -1.98 -5.38
CA SER A 291 -4.02 -0.90 -4.41
C SER A 291 -2.66 -0.29 -4.71
N THR A 292 -1.59 -0.79 -4.12
CA THR A 292 -0.30 -0.20 -4.44
C THR A 292 0.31 -0.65 -5.81
N LEU A 293 -0.27 -1.70 -6.43
CA LEU A 293 0.23 -2.31 -7.71
C LEU A 293 1.42 -3.21 -7.45
N HIS A 294 2.45 -2.64 -6.83
CA HIS A 294 3.62 -3.43 -6.46
C HIS A 294 4.42 -2.58 -5.51
N PRO A 295 5.42 -3.15 -4.82
CA PRO A 295 6.38 -2.34 -4.05
C PRO A 295 7.42 -1.60 -4.94
N SER A 296 7.94 -0.47 -4.46
CA SER A 296 8.83 0.34 -5.25
C SER A 296 9.87 -0.60 -5.94
N THR A 297 9.93 -0.53 -7.26
CA THR A 297 10.86 -1.37 -8.05
C THR A 297 12.30 -1.02 -7.65
N PHE A 298 12.55 0.28 -7.52
CA PHE A 298 13.82 0.83 -7.14
C PHE A 298 14.31 0.31 -5.78
N ASN A 299 13.42 0.28 -4.77
CA ASN A 299 13.87 -0.11 -3.43
C ASN A 299 14.12 -1.63 -3.38
N GLN A 300 13.32 -2.38 -4.12
CA GLN A 300 13.48 -3.83 -4.23
C GLN A 300 14.85 -4.18 -4.84
N LEU A 301 15.19 -3.47 -5.91
CA LEU A 301 16.51 -3.68 -6.50
C LEU A 301 17.66 -3.30 -5.58
N MET A 302 17.55 -2.18 -4.86
CA MET A 302 18.61 -1.84 -3.90
C MET A 302 18.82 -3.03 -2.95
N ILE A 303 17.72 -3.52 -2.37
CA ILE A 303 17.80 -4.60 -1.41
C ILE A 303 18.25 -5.92 -2.04
N SER A 304 17.75 -6.24 -3.23
CA SER A 304 18.13 -7.47 -3.87
C SER A 304 19.64 -7.50 -4.15
N GLN A 305 20.17 -6.38 -4.61
CA GLN A 305 21.61 -6.25 -4.84
C GLN A 305 22.44 -6.46 -3.57
N LEU A 306 22.09 -5.73 -2.49
CA LEU A 306 22.74 -5.92 -1.18
C LEU A 306 22.77 -7.39 -0.78
N LEU A 307 21.60 -8.01 -0.79
CA LEU A 307 21.44 -9.41 -0.31
C LEU A 307 22.23 -10.41 -1.16
N HIS A 308 22.15 -10.26 -2.47
CA HIS A 308 22.89 -11.13 -3.38
C HIS A 308 24.39 -11.04 -3.20
N GLU A 309 24.91 -9.82 -3.07
CA GLU A 309 26.32 -9.64 -2.85
C GLU A 309 26.74 -10.10 -1.47
N TRP A 310 25.89 -9.85 -0.46
CA TRP A 310 26.21 -10.32 0.88
C TRP A 310 26.32 -11.83 0.91
N GLY A 311 25.39 -12.53 0.29
CA GLY A 311 25.30 -13.97 0.48
C GLY A 311 25.11 -14.30 1.96
N GLU A 312 25.40 -15.54 2.32
CA GLU A 312 25.20 -16.02 3.72
C GLU A 312 26.18 -15.39 4.67
N GLU A 313 27.43 -15.43 4.27
CA GLU A 313 28.53 -14.74 4.95
C GLU A 313 28.18 -13.29 5.39
N GLY A 314 27.80 -12.46 4.43
CA GLY A 314 27.56 -11.06 4.71
C GLY A 314 26.29 -10.77 5.52
N PHE A 315 25.23 -11.50 5.21
CA PHE A 315 23.96 -11.36 5.90
C PHE A 315 24.12 -11.73 7.39
N MET A 316 24.74 -12.89 7.68
CA MET A 316 25.00 -13.34 9.05
C MET A 316 25.82 -12.34 9.79
N ALA A 317 26.84 -11.80 9.11
CA ALA A 317 27.70 -10.85 9.76
C ALA A 317 26.96 -9.55 10.10
N HIS A 318 26.05 -9.13 9.23
CA HIS A 318 25.32 -7.89 9.46
C HIS A 318 24.41 -8.07 10.67
N VAL A 319 23.62 -9.14 10.66
CA VAL A 319 22.66 -9.40 11.75
C VAL A 319 23.37 -9.59 13.09
N ASP A 320 24.52 -10.28 13.11
CA ASP A 320 25.37 -10.34 14.34
C ASP A 320 25.74 -8.96 14.88
N ARG A 321 26.20 -8.05 14.03
CA ARG A 321 26.53 -6.69 14.49
C ARG A 321 25.34 -5.93 15.02
N VAL A 322 24.19 -6.05 14.36
CA VAL A 322 23.04 -5.35 14.89
C VAL A 322 22.56 -6.00 16.21
N ILE A 323 22.51 -7.34 16.29
CA ILE A 323 22.23 -7.99 17.61
C ILE A 323 23.18 -7.48 18.68
N ASP A 324 24.48 -7.48 18.42
CA ASP A 324 25.48 -6.98 19.39
C ASP A 324 25.19 -5.54 19.83
N PHE A 325 24.80 -4.66 18.89
CA PHE A 325 24.40 -3.30 19.27
C PHE A 325 23.19 -3.25 20.21
N TYR A 326 22.10 -3.92 19.86
CA TYR A 326 20.87 -3.87 20.61
C TYR A 326 21.04 -4.54 22.01
N SER A 327 21.89 -5.59 22.13
CA SER A 327 22.07 -6.18 23.46
C SER A 327 22.94 -5.36 24.41
N ASN A 328 23.93 -4.62 23.88
CA ASN A 328 24.60 -3.61 24.67
C ASN A 328 23.61 -2.57 25.18
N GLN A 329 22.77 -2.01 24.29
CA GLN A 329 21.66 -1.12 24.71
C GLN A 329 20.75 -1.75 25.78
N LYS A 330 20.33 -2.98 25.57
CA LYS A 330 19.51 -3.67 26.55
C LYS A 330 20.26 -3.79 27.91
N ASP A 331 21.54 -4.14 27.90
CA ASP A 331 22.33 -4.21 29.14
C ASP A 331 22.36 -2.83 29.84
N ALA A 332 22.51 -1.75 29.05
CA ALA A 332 22.46 -0.41 29.57
C ALA A 332 21.13 0.00 30.22
N ILE A 333 19.99 -0.33 29.59
CA ILE A 333 18.73 0.14 30.14
C ILE A 333 18.41 -0.66 31.39
N LEU A 334 18.90 -1.89 31.42
CA LEU A 334 18.69 -2.80 32.53
C LEU A 334 19.50 -2.34 33.73
N ALA A 335 20.75 -1.91 33.50
CA ALA A 335 21.58 -1.26 34.53
C ALA A 335 20.91 -0.04 35.14
N ALA A 336 20.26 0.75 34.28
CA ALA A 336 19.66 1.97 34.72
C ALA A 336 18.37 1.67 35.50
N ALA A 337 17.64 0.63 35.08
CA ALA A 337 16.43 0.25 35.79
C ALA A 337 16.78 -0.29 37.21
N ASP A 338 17.76 -1.18 37.31
CA ASP A 338 18.34 -1.65 38.59
C ASP A 338 18.72 -0.52 39.55
N LYS A 339 19.42 0.48 39.03
CA LYS A 339 19.91 1.60 39.83
C LYS A 339 18.76 2.40 40.46
N TRP A 340 17.77 2.77 39.65
CA TRP A 340 16.77 3.75 40.07
C TRP A 340 15.43 3.16 40.45
N LEU A 341 15.08 2.00 39.91
CA LEU A 341 13.70 1.50 40.05
C LEU A 341 13.55 0.27 40.95
N THR A 342 14.66 -0.19 41.53
CA THR A 342 14.55 -1.35 42.42
C THR A 342 13.53 -1.08 43.56
N GLY A 343 12.58 -1.98 43.74
CA GLY A 343 11.51 -1.82 44.73
C GLY A 343 10.35 -0.87 44.39
N LEU A 344 10.47 -0.13 43.27
CA LEU A 344 9.42 0.79 42.82
C LEU A 344 8.62 0.30 41.60
N ALA A 345 9.18 -0.68 40.87
CA ALA A 345 8.62 -1.18 39.62
C ALA A 345 9.08 -2.64 39.40
N GLU A 346 8.34 -3.37 38.55
CA GLU A 346 8.76 -4.71 38.12
C GLU A 346 8.90 -4.82 36.60
N TRP A 347 9.95 -5.54 36.17
CA TRP A 347 10.20 -5.76 34.74
C TRP A 347 10.89 -7.10 34.53
N HIS A 348 10.62 -7.72 33.39
CA HIS A 348 11.40 -8.88 32.92
C HIS A 348 12.44 -8.45 31.88
N VAL A 349 13.53 -9.20 31.82
CA VAL A 349 14.60 -9.06 30.84
C VAL A 349 14.05 -9.43 29.42
N PRO A 350 14.11 -8.48 28.48
CA PRO A 350 13.62 -8.81 27.14
C PRO A 350 14.52 -9.81 26.44
N ALA A 351 13.92 -10.73 25.70
CA ALA A 351 14.73 -11.68 24.94
C ALA A 351 15.08 -11.23 23.53
N ALA A 352 14.41 -10.21 23.05
CA ALA A 352 14.56 -9.78 21.68
C ALA A 352 13.89 -8.47 21.59
N GLY A 353 14.08 -7.80 20.47
CA GLY A 353 13.37 -6.54 20.22
C GLY A 353 14.05 -5.32 20.82
N MET A 354 13.28 -4.29 21.10
CA MET A 354 13.85 -3.01 21.45
C MET A 354 13.16 -2.33 22.61
N PHE A 355 12.31 -3.07 23.31
CA PHE A 355 11.48 -2.45 24.35
C PHE A 355 11.66 -3.13 25.73
N LEU A 356 11.64 -2.30 26.77
CA LEU A 356 11.47 -2.75 28.16
C LEU A 356 10.08 -2.39 28.65
N TRP A 357 9.37 -3.33 29.25
CA TRP A 357 7.99 -3.06 29.72
C TRP A 357 7.99 -3.04 31.26
N ILE A 358 7.58 -1.91 31.84
CA ILE A 358 7.82 -1.67 33.25
C ILE A 358 6.47 -1.53 33.96
N LYS A 359 6.21 -2.33 35.00
CA LYS A 359 4.99 -2.17 35.82
C LYS A 359 5.33 -1.33 37.04
N VAL A 360 4.70 -0.17 37.19
CA VAL A 360 4.96 0.69 38.35
C VAL A 360 4.15 0.18 39.55
N LYS A 361 4.77 0.11 40.73
CA LYS A 361 4.07 -0.53 41.86
C LYS A 361 3.29 0.57 42.59
N GLY A 362 2.12 0.23 43.12
CA GLY A 362 1.38 1.15 43.98
C GLY A 362 0.57 2.21 43.25
N ILE A 363 0.72 2.29 41.93
CA ILE A 363 -0.12 3.21 41.15
C ILE A 363 -1.02 2.45 40.17
N ASN A 364 -2.28 2.88 40.08
CA ASN A 364 -3.27 2.15 39.28
C ASN A 364 -3.24 2.52 37.81
N ASP A 365 -2.89 3.78 37.54
CA ASP A 365 -2.74 4.29 36.19
C ASP A 365 -1.63 5.33 36.15
N VAL A 366 -0.67 5.11 35.25
CA VAL A 366 0.50 5.96 35.17
C VAL A 366 0.33 7.08 34.16
N LYS A 367 -0.77 7.03 33.41
CA LYS A 367 -0.97 7.98 32.33
C LYS A 367 -0.95 9.44 32.80
N GLU A 368 -1.52 9.72 33.99
CA GLU A 368 -1.32 11.04 34.65
C GLU A 368 0.17 11.36 34.78
N LEU A 369 0.90 10.42 35.37
CA LEU A 369 2.30 10.61 35.77
C LEU A 369 3.28 10.76 34.59
N ILE A 370 3.04 10.03 33.51
CA ILE A 370 3.94 10.17 32.37
C ILE A 370 3.48 11.22 31.38
N GLU A 371 2.27 11.07 30.84
CA GLU A 371 1.77 11.99 29.79
C GLU A 371 1.72 13.47 30.22
N GLU A 372 1.83 13.71 31.54
CA GLU A 372 1.80 15.09 32.07
C GLU A 372 3.00 15.49 32.94
N LYS A 373 3.19 14.81 34.07
CA LYS A 373 4.26 15.17 35.04
C LYS A 373 5.69 14.97 34.50
N ALA A 374 5.98 13.82 33.90
CA ALA A 374 7.31 13.51 33.37
C ALA A 374 7.79 14.46 32.26
N VAL A 375 6.87 14.87 31.39
CA VAL A 375 7.22 15.74 30.25
C VAL A 375 7.66 17.17 30.63
N LYS A 376 7.18 17.67 31.77
CA LYS A 376 7.69 18.90 32.40
C LYS A 376 9.16 18.75 32.79
N MET A 377 9.54 17.52 33.18
CA MET A 377 10.92 17.17 33.53
C MET A 377 11.78 16.82 32.31
N GLY A 378 11.23 16.98 31.11
CA GLY A 378 11.95 16.68 29.88
C GLY A 378 12.21 15.20 29.63
N VAL A 379 11.28 14.34 30.04
CA VAL A 379 11.40 12.90 29.73
C VAL A 379 10.05 12.23 29.49
N LEU A 380 10.01 11.37 28.47
CA LEU A 380 8.83 10.54 28.27
C LEU A 380 9.11 9.11 27.84
N MET A 381 8.35 8.23 28.48
CA MET A 381 8.16 6.87 28.04
C MET A 381 6.68 6.78 27.72
N LEU A 382 6.21 5.61 27.28
CA LEU A 382 4.89 5.55 26.72
C LEU A 382 4.04 4.76 27.68
N PRO A 383 2.89 5.30 28.13
CA PRO A 383 1.95 4.53 28.97
C PRO A 383 1.33 3.35 28.24
N GLY A 384 1.02 2.31 29.01
CA GLY A 384 0.64 0.99 28.49
C GLY A 384 -0.77 0.89 27.92
N ASN A 385 -1.61 1.91 28.19
CA ASN A 385 -3.04 1.89 27.75
C ASN A 385 -3.20 1.60 26.25
N ALA A 386 -2.36 2.23 25.43
CA ALA A 386 -2.36 2.08 23.98
C ALA A 386 -2.22 0.62 23.51
N PHE A 387 -1.77 -0.27 24.40
CA PHE A 387 -1.55 -1.64 23.92
C PHE A 387 -2.65 -2.59 24.28
N TYR A 388 -3.80 -2.05 24.68
CA TYR A 388 -4.98 -2.87 25.03
C TYR A 388 -6.15 -2.58 24.11
N VAL A 389 -7.04 -3.56 23.95
CA VAL A 389 -8.24 -3.32 23.15
C VAL A 389 -9.09 -2.19 23.78
N ASP A 390 -9.23 -2.22 25.10
CA ASP A 390 -9.87 -1.12 25.80
C ASP A 390 -8.79 -0.22 26.36
N SER A 391 -8.38 0.78 25.58
CA SER A 391 -7.36 1.71 25.99
C SER A 391 -7.85 2.71 27.06
N SER A 392 -9.12 2.63 27.44
CA SER A 392 -9.66 3.55 28.45
C SER A 392 -9.47 2.97 29.85
N ALA A 393 -9.15 1.68 29.92
CA ALA A 393 -8.83 1.04 31.18
C ALA A 393 -7.51 1.60 31.74
N PRO A 394 -7.42 1.74 33.07
CA PRO A 394 -6.19 2.29 33.66
C PRO A 394 -5.05 1.30 33.48
N SER A 395 -3.83 1.80 33.31
CA SER A 395 -2.70 0.89 33.19
C SER A 395 -1.51 1.37 34.04
N PRO A 396 -0.94 0.46 34.88
CA PRO A 396 0.27 0.83 35.62
C PRO A 396 1.61 0.63 34.85
N TYR A 397 1.52 0.31 33.56
CA TYR A 397 2.72 -0.03 32.77
C TYR A 397 3.25 1.10 31.89
N LEU A 398 4.55 1.05 31.62
CA LEU A 398 5.26 1.98 30.74
C LEU A 398 6.10 1.16 29.75
N ARG A 399 6.14 1.58 28.49
CA ARG A 399 7.08 0.99 27.54
C ARG A 399 8.24 1.96 27.41
N ALA A 400 9.45 1.41 27.53
CA ALA A 400 10.66 2.20 27.34
C ALA A 400 11.51 1.59 26.19
N SER A 401 11.76 2.37 25.14
CA SER A 401 12.67 1.88 24.11
C SER A 401 14.15 2.02 24.40
N PHE A 402 14.95 1.00 24.05
CA PHE A 402 16.41 1.14 24.18
C PHE A 402 17.12 1.20 22.82
N SER A 403 16.42 1.59 21.76
CA SER A 403 17.04 1.53 20.43
C SER A 403 18.09 2.62 20.21
N SER A 404 17.94 3.79 20.86
CA SER A 404 18.73 5.00 20.54
C SER A 404 19.45 5.67 21.69
N ALA A 405 18.80 5.72 22.85
CA ALA A 405 19.31 6.51 23.96
C ALA A 405 20.66 6.00 24.41
N SER A 406 21.51 6.95 24.81
CA SER A 406 22.83 6.62 25.34
C SER A 406 22.66 6.18 26.80
N PRO A 407 23.61 5.37 27.31
CA PRO A 407 23.77 5.10 28.74
C PRO A 407 23.45 6.28 29.67
N GLU A 408 23.96 7.48 29.34
CA GLU A 408 23.76 8.70 30.12
C GLU A 408 22.31 9.17 30.11
N GLN A 409 21.69 9.10 28.93
CA GLN A 409 20.31 9.55 28.80
C GLN A 409 19.36 8.59 29.53
N MET A 410 19.67 7.30 29.50
CA MET A 410 18.82 6.35 30.21
C MET A 410 18.85 6.61 31.71
N ASP A 411 20.04 6.89 32.23
CA ASP A 411 20.22 7.17 33.66
C ASP A 411 19.32 8.33 34.15
N VAL A 412 19.34 9.45 33.43
CA VAL A 412 18.59 10.63 33.81
C VAL A 412 17.09 10.36 33.69
N ALA A 413 16.70 9.73 32.57
CA ALA A 413 15.35 9.31 32.35
C ALA A 413 14.81 8.48 33.54
N PHE A 414 15.57 7.48 33.96
CA PHE A 414 15.11 6.61 35.07
C PHE A 414 15.20 7.30 36.44
N GLN A 415 16.18 8.19 36.59
CA GLN A 415 16.31 9.04 37.78
C GLN A 415 15.06 9.87 37.94
N VAL A 416 14.63 10.49 36.85
CA VAL A 416 13.42 11.30 36.84
C VAL A 416 12.13 10.50 37.12
N LEU A 417 11.98 9.34 36.46
CA LEU A 417 10.84 8.44 36.72
C LEU A 417 10.75 8.03 38.20
N ALA A 418 11.86 7.58 38.76
CA ALA A 418 11.91 7.24 40.20
C ALA A 418 11.48 8.41 41.09
N GLN A 419 11.95 9.63 40.77
CA GLN A 419 11.52 10.81 41.50
C GLN A 419 10.02 10.93 41.49
N LEU A 420 9.44 10.91 40.28
CA LEU A 420 7.98 11.01 40.09
C LEU A 420 7.18 9.94 40.80
N ILE A 421 7.66 8.70 40.77
CA ILE A 421 6.99 7.58 41.43
C ILE A 421 6.96 7.81 42.96
N LYS A 422 8.09 8.25 43.51
CA LYS A 422 8.19 8.59 44.94
C LYS A 422 7.22 9.71 45.33
N GLU A 423 7.27 10.82 44.61
CA GLU A 423 6.41 11.97 44.87
C GLU A 423 4.94 11.64 44.75
N SER A 424 4.62 10.73 43.84
CA SER A 424 3.23 10.39 43.57
C SER A 424 2.63 9.59 44.70
N LEU A 425 3.47 8.78 45.37
CA LEU A 425 3.04 7.83 46.38
C LEU A 425 2.61 8.48 47.69
N GLU B 1 -20.71 20.39 3.30
CA GLU B 1 -21.44 19.12 3.66
C GLU B 1 -20.81 18.45 4.87
N ASN B 2 -21.58 17.64 5.58
CA ASN B 2 -20.99 16.56 6.33
C ASN B 2 -20.97 15.37 5.32
N TYR B 3 -20.04 14.47 5.51
CA TYR B 3 -19.74 13.48 4.48
C TYR B 3 -20.15 12.09 4.90
N ALA B 4 -20.80 11.98 6.07
CA ALA B 4 -21.10 10.68 6.70
C ALA B 4 -21.87 9.74 5.77
N ARG B 5 -22.83 10.28 5.00
CA ARG B 5 -23.56 9.56 3.94
C ARG B 5 -22.68 8.75 3.05
N PHE B 6 -21.51 9.30 2.71
CA PHE B 6 -20.62 8.67 1.73
C PHE B 6 -19.52 7.82 2.31
N ILE B 7 -19.62 7.45 3.56
CA ILE B 7 -18.52 6.77 4.25
C ILE B 7 -19.10 5.48 4.84
N THR B 8 -18.39 4.34 4.71
CA THR B 8 -18.83 3.11 5.35
C THR B 8 -18.71 3.19 6.88
N ALA B 9 -19.37 2.24 7.55
CA ALA B 9 -19.24 1.99 8.98
C ALA B 9 -17.80 1.73 9.42
N ALA B 10 -17.12 0.88 8.67
CA ALA B 10 -15.73 0.57 8.91
C ALA B 10 -14.85 1.84 8.81
N SER B 11 -15.03 2.62 7.75
CA SER B 11 -14.20 3.86 7.59
C SER B 11 -14.48 4.89 8.73
N ALA B 12 -15.75 5.11 9.07
CA ALA B 12 -16.07 6.01 10.18
C ALA B 12 -15.51 5.56 11.54
N ALA B 13 -15.29 4.25 11.72
CA ALA B 13 -14.80 3.72 13.01
C ALA B 13 -13.31 3.91 13.23
N ARG B 14 -12.58 4.25 12.18
CA ARG B 14 -11.11 4.44 12.25
C ARG B 14 -10.75 5.63 13.16
N ASN B 15 -9.76 5.41 14.00
CA ASN B 15 -9.26 6.40 14.97
C ASN B 15 -7.79 6.67 14.71
N PRO B 16 -7.31 7.89 15.00
CA PRO B 16 -5.85 8.10 15.01
C PRO B 16 -5.22 7.22 16.11
N SER B 17 -3.97 6.81 15.92
CA SER B 17 -3.31 6.04 16.96
C SER B 17 -3.36 6.79 18.32
N PRO B 18 -3.43 6.01 19.43
CA PRO B 18 -2.82 6.63 20.61
C PRO B 18 -1.31 6.66 20.33
N ILE B 19 -0.46 6.91 21.32
CA ILE B 19 0.99 6.96 21.06
C ILE B 19 1.40 8.26 20.38
N MET B 33 15.08 17.08 26.10
CA MET B 33 14.07 16.04 26.23
C MET B 33 14.64 14.66 25.86
N ILE B 34 14.81 13.82 26.87
CA ILE B 34 15.19 12.41 26.66
C ILE B 34 13.90 11.65 26.44
N SER B 35 13.79 10.99 25.29
CA SER B 35 12.59 10.21 25.00
C SER B 35 12.91 8.74 24.79
N LEU B 36 12.26 7.90 25.57
CA LEU B 36 12.31 6.45 25.40
C LEU B 36 10.95 5.98 24.93
N ALA B 37 10.14 6.91 24.43
CA ALA B 37 8.75 6.60 24.12
C ALA B 37 8.55 6.18 22.67
N GLY B 38 9.60 6.36 21.87
CA GLY B 38 9.53 6.14 20.44
C GLY B 38 9.79 4.71 20.04
N GLY B 39 9.19 4.26 18.95
CA GLY B 39 9.39 2.90 18.46
C GLY B 39 10.29 2.78 17.24
N LEU B 40 11.20 3.73 17.07
CA LEU B 40 12.10 3.78 15.89
C LEU B 40 13.31 2.86 16.01
N PRO B 41 13.65 2.11 14.94
CA PRO B 41 14.94 1.40 14.95
C PRO B 41 16.10 2.38 14.78
N ASN B 42 17.25 2.00 15.31
CA ASN B 42 18.41 2.85 15.20
C ASN B 42 18.91 2.88 13.75
N PRO B 43 18.87 4.05 13.10
CA PRO B 43 19.26 4.07 11.68
C PRO B 43 20.78 3.93 11.43
N ASN B 44 21.58 4.03 12.48
CA ASN B 44 23.00 3.76 12.36
C ASN B 44 23.28 2.32 12.05
N MET B 45 22.30 1.44 12.27
CA MET B 45 22.43 0.01 11.91
C MET B 45 22.15 -0.28 10.42
N PHE B 46 21.62 0.69 9.68
CA PHE B 46 21.20 0.43 8.31
C PHE B 46 22.44 0.44 7.41
N PRO B 47 22.55 -0.52 6.50
CA PRO B 47 23.82 -0.68 5.77
C PRO B 47 24.09 0.29 4.64
N PHE B 48 23.08 0.88 4.03
CA PHE B 48 23.31 1.87 2.96
C PHE B 48 23.68 3.21 3.57
N LYS B 49 24.73 3.86 3.04
CA LYS B 49 25.32 5.05 3.69
C LYS B 49 25.28 6.41 2.97
N THR B 50 25.39 6.40 1.66
CA THR B 50 25.25 7.63 0.90
C THR B 50 24.66 7.19 -0.39
N ALA B 51 24.08 8.13 -1.12
CA ALA B 51 23.56 7.88 -2.45
C ALA B 51 23.85 9.04 -3.40
N VAL B 52 24.05 8.73 -4.68
CA VAL B 52 24.23 9.77 -5.70
C VAL B 52 23.35 9.44 -6.86
N ILE B 53 22.44 10.35 -7.19
CA ILE B 53 21.56 10.10 -8.33
C ILE B 53 21.74 11.23 -9.34
N THR B 54 22.07 10.86 -10.59
CA THR B 54 22.22 11.83 -11.67
C THR B 54 20.87 12.11 -12.38
N VAL B 55 20.77 13.36 -12.83
CA VAL B 55 19.55 13.92 -13.41
C VAL B 55 19.90 14.54 -14.76
N GLU B 56 19.21 14.14 -15.82
CA GLU B 56 19.63 14.55 -17.18
C GLU B 56 19.61 16.07 -17.30
N ASN B 57 20.78 16.61 -17.69
CA ASN B 57 20.96 18.05 -17.85
C ASN B 57 20.54 18.83 -16.60
N GLY B 58 20.66 18.20 -15.42
CA GLY B 58 20.19 18.80 -14.17
C GLY B 58 21.18 18.57 -13.06
N LYS B 59 20.90 19.15 -11.89
CA LYS B 59 21.75 18.97 -10.70
C LYS B 59 21.67 17.51 -10.17
N THR B 60 22.84 16.91 -10.01
CA THR B 60 22.97 15.61 -9.40
C THR B 60 22.38 15.67 -7.99
N ILE B 61 21.57 14.68 -7.64
CA ILE B 61 20.98 14.60 -6.30
C ILE B 61 21.90 13.79 -5.33
N GLN B 62 22.24 14.39 -4.20
CA GLN B 62 23.17 13.81 -3.24
C GLN B 62 22.45 13.49 -1.93
N PHE B 63 22.55 12.25 -1.46
CA PHE B 63 22.14 11.96 -0.09
C PHE B 63 23.42 11.67 0.67
N GLY B 64 23.82 12.62 1.53
CA GLY B 64 25.01 12.50 2.39
C GLY B 64 24.56 11.69 3.58
N GLU B 65 25.44 11.48 4.54
CA GLU B 65 25.18 10.51 5.60
C GLU B 65 23.94 10.85 6.43
N GLU B 66 23.70 12.13 6.75
CA GLU B 66 22.54 12.49 7.57
C GLU B 66 21.23 12.35 6.79
N MET B 67 21.21 12.92 5.60
CA MET B 67 20.10 12.78 4.70
C MET B 67 19.76 11.30 4.38
N MET B 68 20.78 10.47 4.18
CA MET B 68 20.54 9.03 3.94
C MET B 68 19.80 8.37 5.12
N LYS B 69 20.22 8.69 6.34
CA LYS B 69 19.58 8.23 7.53
C LYS B 69 18.09 8.59 7.51
N ARG B 70 17.75 9.84 7.21
CA ARG B 70 16.33 10.23 7.08
C ARG B 70 15.59 9.41 6.01
N ALA B 71 16.24 9.23 4.86
CA ALA B 71 15.64 8.55 3.73
C ALA B 71 15.34 7.10 4.05
N LEU B 72 16.12 6.53 4.99
CA LEU B 72 15.99 5.11 5.30
C LEU B 72 15.08 4.84 6.52
N GLN B 73 14.54 5.89 7.11
CA GLN B 73 13.75 5.81 8.36
C GLN B 73 12.24 6.06 8.09
N TYR B 74 11.37 5.57 8.98
CA TYR B 74 9.94 5.93 8.96
C TYR B 74 9.76 7.43 8.84
N SER B 75 8.64 7.83 8.24
CA SER B 75 8.26 9.22 8.04
C SER B 75 6.71 9.38 8.07
N PRO B 76 6.18 10.64 8.05
CA PRO B 76 4.74 10.81 8.25
C PRO B 76 3.84 10.12 7.25
N SER B 77 2.73 9.59 7.76
CA SER B 77 1.78 8.85 6.95
C SER B 77 1.28 9.58 5.71
N ALA B 78 0.97 10.86 5.88
CA ALA B 78 0.43 11.72 4.80
C ALA B 78 1.49 12.14 3.78
N GLY B 79 2.76 11.88 4.10
CA GLY B 79 3.88 12.29 3.19
C GLY B 79 4.89 13.17 3.91
N ILE B 80 6.10 13.33 3.36
CA ILE B 80 7.08 14.23 4.00
C ILE B 80 6.63 15.70 3.80
N PRO B 81 6.87 16.56 4.80
CA PRO B 81 6.35 17.94 4.75
C PRO B 81 6.77 18.77 3.55
N GLU B 82 7.98 18.60 3.03
CA GLU B 82 8.39 19.39 1.88
C GLU B 82 7.70 18.97 0.58
N LEU B 83 7.42 17.69 0.44
CA LEU B 83 6.72 17.25 -0.73
C LEU B 83 5.27 17.75 -0.64
N LEU B 84 4.61 17.57 0.51
CA LEU B 84 3.27 18.12 0.76
C LEU B 84 3.13 19.61 0.45
N SER B 85 4.01 20.44 1.02
CA SER B 85 3.85 21.90 0.80
C SER B 85 4.02 22.27 -0.66
N TRP B 86 4.96 21.60 -1.35
CA TRP B 86 5.18 21.80 -2.77
C TRP B 86 3.98 21.39 -3.62
N LEU B 87 3.42 20.21 -3.34
CA LEU B 87 2.18 19.76 -4.03
C LEU B 87 0.98 20.66 -3.82
N LYS B 88 0.84 21.22 -2.63
CA LYS B 88 -0.30 22.08 -2.33
C LYS B 88 -0.22 23.35 -3.15
N GLN B 89 0.97 23.93 -3.20
CA GLN B 89 1.22 25.09 -4.05
C GLN B 89 1.04 24.78 -5.53
N LEU B 90 1.46 23.60 -5.98
CA LEU B 90 1.14 23.12 -7.32
C LEU B 90 -0.39 23.13 -7.63
N GLN B 91 -1.21 22.51 -6.78
CA GLN B 91 -2.65 22.44 -7.03
C GLN B 91 -3.31 23.82 -7.04
N ILE B 92 -2.88 24.66 -6.12
CA ILE B 92 -3.38 26.04 -6.00
C ILE B 92 -3.04 26.81 -7.28
N LYS B 93 -1.79 26.68 -7.71
CA LYS B 93 -1.34 27.35 -8.94
C LYS B 93 -2.08 26.87 -10.16
N LEU B 94 -2.26 25.56 -10.28
CA LEU B 94 -2.87 25.02 -11.48
C LEU B 94 -4.41 25.07 -11.49
N HIS B 95 -5.05 24.89 -10.33
CA HIS B 95 -6.50 24.65 -10.25
C HIS B 95 -7.25 25.68 -9.40
N ASN B 96 -6.49 26.44 -8.61
CA ASN B 96 -7.06 27.42 -7.69
C ASN B 96 -8.43 26.97 -7.13
N PRO B 97 -8.46 25.90 -6.33
CA PRO B 97 -9.77 25.30 -5.98
C PRO B 97 -10.51 26.17 -5.00
N PRO B 98 -11.84 26.33 -5.20
CA PRO B 98 -12.67 27.15 -4.31
C PRO B 98 -12.49 26.80 -2.84
N THR B 99 -12.11 25.55 -2.55
CA THR B 99 -12.25 25.00 -1.20
C THR B 99 -11.03 25.29 -0.33
N ILE B 100 -9.98 25.87 -0.89
CA ILE B 100 -8.83 26.23 -0.02
C ILE B 100 -9.24 27.06 1.22
N HIS B 101 -10.19 27.99 1.13
CA HIS B 101 -10.57 28.68 2.37
C HIS B 101 -11.87 28.30 3.08
N TYR B 102 -12.39 27.11 2.80
CA TYR B 102 -13.61 26.65 3.48
C TYR B 102 -13.21 26.06 4.82
N PRO B 103 -14.11 26.06 5.83
CA PRO B 103 -13.80 25.33 7.07
C PRO B 103 -13.61 23.80 6.77
N PRO B 104 -12.89 23.04 7.63
CA PRO B 104 -12.75 21.57 7.40
C PRO B 104 -14.06 20.83 7.11
N SER B 105 -15.09 21.06 7.91
CA SER B 105 -16.36 20.33 7.77
C SER B 105 -17.01 20.60 6.44
N GLN B 106 -16.72 21.77 5.84
CA GLN B 106 -17.20 22.08 4.49
C GLN B 106 -16.10 21.50 3.61
N GLY B 107 -16.01 21.70 2.34
CA GLY B 107 -14.84 20.79 1.93
C GLY B 107 -13.37 21.21 1.96
N GLN B 108 -12.86 21.81 3.06
CA GLN B 108 -11.53 22.47 3.01
C GLN B 108 -10.52 21.60 2.27
N MET B 109 -9.86 22.14 1.23
CA MET B 109 -8.91 21.34 0.43
C MET B 109 -7.81 20.76 1.31
N ASP B 110 -7.51 19.48 1.10
CA ASP B 110 -6.34 18.84 1.73
C ASP B 110 -5.74 17.83 0.72
N LEU B 111 -4.58 17.25 1.05
CA LEU B 111 -3.85 16.46 0.07
C LEU B 111 -3.02 15.43 0.85
N CYS B 112 -2.83 14.25 0.29
CA CYS B 112 -1.85 13.37 0.92
C CYS B 112 -1.10 12.65 -0.17
N VAL B 113 0.17 12.33 0.09
CA VAL B 113 0.98 11.54 -0.85
C VAL B 113 0.52 10.11 -0.71
N THR B 114 0.45 9.39 -1.81
CA THR B 114 0.06 7.97 -1.80
C THR B 114 1.14 7.12 -2.51
N SER B 115 1.12 5.83 -2.24
CA SER B 115 2.02 4.86 -2.88
C SER B 115 1.47 4.54 -4.26
N GLY B 116 1.69 5.46 -5.20
CA GLY B 116 1.04 5.48 -6.54
C GLY B 116 -0.35 6.12 -6.43
N SER B 117 -0.91 6.56 -7.54
CA SER B 117 -2.29 7.08 -7.48
C SER B 117 -3.36 5.96 -7.31
N GLN B 118 -3.05 4.72 -7.72
CA GLN B 118 -3.98 3.61 -7.54
C GLN B 118 -4.32 3.30 -6.05
N GLN B 119 -3.36 3.55 -5.16
CA GLN B 119 -3.60 3.39 -3.70
C GLN B 119 -4.66 4.34 -3.20
N GLY B 120 -4.54 5.60 -3.63
CA GLY B 120 -5.53 6.65 -3.36
C GLY B 120 -6.92 6.26 -3.80
N LEU B 121 -7.06 5.86 -5.05
CA LEU B 121 -8.34 5.47 -5.60
C LEU B 121 -8.90 4.24 -4.88
N CYS B 122 -8.05 3.26 -4.61
CA CYS B 122 -8.50 2.02 -3.97
C CYS B 122 -9.05 2.37 -2.59
N LYS B 123 -8.33 3.20 -1.84
CA LYS B 123 -8.79 3.59 -0.50
C LYS B 123 -10.08 4.45 -0.46
N VAL B 124 -10.23 5.35 -1.42
CA VAL B 124 -11.50 6.09 -1.64
C VAL B 124 -12.70 5.17 -1.93
N PHE B 125 -12.56 4.24 -2.92
CA PHE B 125 -13.57 3.23 -3.17
C PHE B 125 -13.96 2.43 -1.94
N GLU B 126 -12.96 2.00 -1.16
CA GLU B 126 -13.14 1.24 0.08
C GLU B 126 -13.80 2.08 1.17
N MET B 127 -13.37 3.33 1.31
CA MET B 127 -14.02 4.25 2.25
C MET B 127 -15.53 4.44 1.94
N ILE B 128 -15.96 4.36 0.68
CA ILE B 128 -17.32 4.78 0.27
C ILE B 128 -18.32 3.62 0.08
N ILE B 129 -17.91 2.50 -0.52
CA ILE B 129 -18.86 1.53 -1.08
C ILE B 129 -19.31 0.44 -0.12
N ASN B 130 -20.63 0.38 0.10
CA ASN B 130 -21.29 -0.72 0.78
C ASN B 130 -21.82 -1.65 -0.32
N PRO B 131 -21.92 -2.97 -0.04
CA PRO B 131 -22.47 -3.85 -1.08
C PRO B 131 -23.89 -3.37 -1.47
N GLY B 132 -24.19 -3.28 -2.76
CA GLY B 132 -25.52 -2.76 -3.18
C GLY B 132 -25.55 -1.28 -3.56
N ASP B 133 -24.50 -0.54 -3.24
CA ASP B 133 -24.43 0.89 -3.63
C ASP B 133 -24.36 1.04 -5.15
N ASN B 134 -24.91 2.14 -5.67
CA ASN B 134 -24.78 2.45 -7.08
C ASN B 134 -23.67 3.44 -7.33
N VAL B 135 -22.83 3.17 -8.34
CA VAL B 135 -21.80 4.10 -8.72
C VAL B 135 -21.93 4.29 -10.21
N LEU B 136 -21.50 5.43 -10.70
CA LEU B 136 -21.65 5.74 -12.11
C LEU B 136 -20.28 5.85 -12.75
N LEU B 137 -20.16 5.35 -13.98
CA LEU B 137 -18.92 5.51 -14.73
C LEU B 137 -19.13 5.27 -16.21
N ASP B 138 -18.23 5.76 -17.07
CA ASP B 138 -18.31 5.41 -18.50
C ASP B 138 -17.40 4.22 -18.91
N GLU B 139 -17.97 3.18 -19.51
CA GLU B 139 -17.22 2.08 -20.07
C GLU B 139 -16.98 2.43 -21.52
N PRO B 140 -15.83 2.07 -22.11
CA PRO B 140 -14.70 1.30 -21.53
C PRO B 140 -13.89 2.14 -20.52
N ALA B 141 -13.43 1.47 -19.48
CA ALA B 141 -12.79 2.14 -18.35
C ALA B 141 -11.52 1.39 -17.97
N TYR B 142 -10.66 2.07 -17.23
CA TYR B 142 -9.41 1.49 -16.80
C TYR B 142 -9.63 0.15 -16.10
N SER B 143 -8.94 -0.89 -16.56
CA SER B 143 -9.21 -2.23 -16.06
C SER B 143 -9.00 -2.31 -14.55
N GLY B 144 -7.97 -1.63 -14.07
CA GLY B 144 -7.67 -1.53 -12.65
C GLY B 144 -8.76 -0.96 -11.76
N THR B 145 -9.56 0.01 -12.23
CA THR B 145 -10.69 0.44 -11.39
C THR B 145 -11.87 -0.54 -11.40
N LEU B 146 -12.15 -1.14 -12.56
CA LEU B 146 -13.13 -2.23 -12.65
C LEU B 146 -12.81 -3.41 -11.73
N GLN B 147 -11.53 -3.77 -11.69
CA GLN B 147 -11.08 -4.91 -10.88
C GLN B 147 -11.18 -4.60 -9.39
N SER B 148 -10.96 -3.33 -9.06
CA SER B 148 -11.09 -2.83 -7.69
C SER B 148 -12.57 -2.74 -7.25
N LEU B 149 -13.47 -2.40 -8.18
CA LEU B 149 -14.88 -2.18 -7.82
C LEU B 149 -15.67 -3.46 -7.69
N HIS B 150 -15.30 -4.45 -8.51
CA HIS B 150 -16.06 -5.72 -8.61
C HIS B 150 -16.21 -6.43 -7.25
N PRO B 151 -15.11 -6.62 -6.50
CA PRO B 151 -15.24 -7.26 -5.21
C PRO B 151 -16.00 -6.45 -4.12
N LEU B 152 -16.23 -5.16 -4.33
CA LEU B 152 -16.96 -4.38 -3.34
C LEU B 152 -18.48 -4.52 -3.43
N GLY B 153 -18.95 -5.19 -4.49
CA GLY B 153 -20.36 -5.55 -4.66
C GLY B 153 -21.28 -4.38 -4.96
N CYS B 154 -20.74 -3.33 -5.55
CA CYS B 154 -21.58 -2.22 -5.93
C CYS B 154 -22.24 -2.54 -7.27
N ASN B 155 -23.35 -1.84 -7.58
CA ASN B 155 -23.88 -1.80 -8.94
C ASN B 155 -23.24 -0.70 -9.73
N ILE B 156 -22.57 -1.07 -10.80
CA ILE B 156 -21.95 -0.15 -11.68
C ILE B 156 -22.96 0.24 -12.77
N ILE B 157 -23.32 1.53 -12.83
CA ILE B 157 -24.27 1.95 -13.86
C ILE B 157 -23.44 2.63 -14.93
N ASN B 158 -23.52 2.10 -16.14
CA ASN B 158 -22.72 2.61 -17.23
C ASN B 158 -23.40 3.85 -17.82
N VAL B 159 -22.63 4.92 -18.01
CA VAL B 159 -23.12 6.16 -18.56
C VAL B 159 -22.52 6.25 -19.95
N ALA B 160 -23.31 6.67 -20.93
CA ALA B 160 -22.85 6.69 -22.33
C ALA B 160 -21.80 7.75 -22.59
N SER B 161 -20.93 7.50 -23.56
CA SER B 161 -19.84 8.41 -23.89
C SER B 161 -19.57 8.41 -25.39
N ASP B 162 -18.83 9.41 -25.85
CA ASP B 162 -18.38 9.51 -27.26
C ASP B 162 -16.97 10.08 -27.29
N GLU B 163 -16.61 10.74 -28.39
CA GLU B 163 -15.25 11.29 -28.54
C GLU B 163 -15.01 12.48 -27.65
N SER B 164 -16.05 12.94 -26.96
CA SER B 164 -15.92 14.09 -26.07
C SER B 164 -16.25 13.67 -24.64
N GLY B 165 -16.23 12.35 -24.43
CA GLY B 165 -16.37 11.78 -23.12
C GLY B 165 -17.81 11.49 -22.79
N ILE B 166 -18.10 11.49 -21.49
CA ILE B 166 -19.42 11.20 -20.97
C ILE B 166 -20.42 12.15 -21.63
N VAL B 167 -21.58 11.63 -22.01
CA VAL B 167 -22.65 12.45 -22.55
C VAL B 167 -23.59 12.83 -21.42
N PRO B 168 -23.66 14.12 -21.09
CA PRO B 168 -24.49 14.54 -19.95
C PRO B 168 -25.94 14.08 -20.03
N ASP B 169 -26.52 14.11 -21.23
CA ASP B 169 -27.89 13.70 -21.42
C ASP B 169 -28.15 12.26 -21.01
N SER B 170 -27.22 11.37 -21.30
CA SER B 170 -27.27 9.98 -20.75
C SER B 170 -27.22 9.95 -19.21
N LEU B 171 -26.31 10.75 -18.65
CA LEU B 171 -26.26 10.93 -17.20
C LEU B 171 -27.60 11.45 -16.64
N ARG B 172 -28.16 12.45 -17.28
CA ARG B 172 -29.47 12.99 -16.89
C ARG B 172 -30.55 11.94 -16.88
N ASP B 173 -30.60 11.11 -17.93
CA ASP B 173 -31.58 10.02 -18.01
C ASP B 173 -31.43 9.01 -16.90
N ILE B 174 -30.19 8.56 -16.66
CA ILE B 174 -29.96 7.61 -15.59
C ILE B 174 -30.44 8.19 -14.25
N LEU B 175 -30.10 9.44 -14.00
CA LEU B 175 -30.39 10.01 -12.69
C LEU B 175 -31.89 10.25 -12.48
N SER B 176 -32.65 10.34 -13.59
CA SER B 176 -34.13 10.41 -13.58
C SER B 176 -34.86 9.30 -12.83
N ARG B 177 -34.20 8.16 -12.60
CA ARG B 177 -34.82 7.15 -11.75
C ARG B 177 -34.93 7.57 -10.28
N TRP B 178 -34.24 8.65 -9.88
CA TRP B 178 -34.45 9.17 -8.52
C TRP B 178 -34.97 10.60 -8.59
N LYS B 179 -35.44 11.11 -7.47
CA LYS B 179 -35.70 12.54 -7.32
C LYS B 179 -34.46 13.19 -6.68
N PRO B 180 -34.16 14.45 -7.05
CA PRO B 180 -33.04 15.20 -6.45
C PRO B 180 -33.07 15.12 -4.91
N GLU B 181 -34.26 15.22 -4.34
CA GLU B 181 -34.47 15.06 -2.90
C GLU B 181 -34.22 13.68 -2.28
N ASP B 182 -34.05 12.65 -3.11
CA ASP B 182 -33.70 11.32 -2.59
C ASP B 182 -32.26 11.25 -2.03
N ALA B 183 -31.40 12.14 -2.51
CA ALA B 183 -29.96 12.11 -2.16
C ALA B 183 -29.70 12.07 -0.67
N LYS B 184 -30.38 12.92 0.10
CA LYS B 184 -30.14 12.97 1.57
C LYS B 184 -31.06 12.06 2.35
N ASN B 185 -32.02 11.44 1.66
CA ASN B 185 -32.86 10.38 2.28
C ASN B 185 -32.10 9.04 2.42
N PRO B 186 -31.77 8.63 3.66
CA PRO B 186 -30.90 7.46 3.74
C PRO B 186 -31.60 6.17 3.36
N GLN B 187 -32.88 6.24 3.00
CA GLN B 187 -33.63 5.03 2.68
C GLN B 187 -33.62 4.88 1.18
N LYS B 188 -33.10 5.87 0.46
CA LYS B 188 -33.09 5.80 -1.00
C LYS B 188 -31.63 5.54 -1.44
N ASN B 189 -31.46 4.66 -2.43
CA ASN B 189 -30.11 4.17 -2.85
C ASN B 189 -29.57 5.03 -3.98
N THR B 190 -29.46 6.34 -3.73
CA THR B 190 -29.01 7.23 -4.76
C THR B 190 -27.49 6.98 -4.98
N PRO B 191 -26.96 7.27 -6.18
CA PRO B 191 -25.53 7.02 -6.44
C PRO B 191 -24.59 7.76 -5.48
N LYS B 192 -23.54 7.07 -5.03
CA LYS B 192 -22.52 7.66 -4.16
C LYS B 192 -21.58 8.56 -4.98
N PHE B 193 -21.26 8.14 -6.21
CA PHE B 193 -20.30 8.88 -7.02
C PHE B 193 -20.30 8.55 -8.48
N LEU B 194 -19.74 9.51 -9.22
CA LEU B 194 -19.38 9.39 -10.62
C LEU B 194 -17.83 9.28 -10.66
N TYR B 195 -17.32 8.20 -11.28
CA TYR B 195 -15.87 8.09 -11.56
C TYR B 195 -15.64 8.42 -13.03
N THR B 196 -14.64 9.25 -13.35
CA THR B 196 -14.17 9.37 -14.75
C THR B 196 -12.72 9.78 -14.78
N VAL B 197 -12.11 9.49 -15.91
CA VAL B 197 -10.75 9.90 -16.24
C VAL B 197 -10.96 10.92 -17.36
N PRO B 198 -10.83 12.22 -17.04
CA PRO B 198 -11.24 13.30 -17.97
C PRO B 198 -10.28 13.61 -19.13
N ASN B 199 -9.03 13.12 -19.04
CA ASN B 199 -8.01 13.37 -20.05
C ASN B 199 -7.35 12.09 -20.48
N GLY B 200 -7.39 11.82 -21.79
CA GLY B 200 -6.80 10.60 -22.35
C GLY B 200 -7.21 9.35 -21.60
N ASN B 201 -8.51 9.09 -21.54
CA ASN B 201 -9.01 7.91 -20.88
C ASN B 201 -8.22 6.69 -21.39
N ASN B 202 -7.97 5.75 -20.49
CA ASN B 202 -7.39 4.47 -20.79
C ASN B 202 -8.60 3.56 -20.81
N PRO B 203 -8.92 2.93 -21.97
CA PRO B 203 -8.18 2.77 -23.22
C PRO B 203 -8.46 3.72 -24.40
N THR B 204 -9.52 4.53 -24.34
CA THR B 204 -10.06 5.23 -25.52
C THR B 204 -9.23 6.40 -26.04
N GLY B 205 -8.39 6.98 -25.19
CA GLY B 205 -7.68 8.22 -25.54
C GLY B 205 -8.58 9.47 -25.65
N ASN B 206 -9.90 9.32 -25.44
CA ASN B 206 -10.83 10.51 -25.45
C ASN B 206 -10.72 11.41 -24.19
N SER B 207 -11.03 12.69 -24.38
CA SER B 207 -11.05 13.67 -23.31
C SER B 207 -12.38 14.45 -23.24
N LEU B 208 -12.72 14.88 -22.02
CA LEU B 208 -13.87 15.74 -21.77
C LEU B 208 -13.58 17.17 -22.12
N THR B 209 -14.56 17.84 -22.71
CA THR B 209 -14.42 19.24 -22.98
C THR B 209 -14.88 19.99 -21.72
N SER B 210 -14.53 21.27 -21.68
CA SER B 210 -14.85 22.20 -20.60
C SER B 210 -16.35 22.37 -20.43
N GLU B 211 -17.06 22.36 -21.56
CA GLU B 211 -18.52 22.53 -21.63
C GLU B 211 -19.28 21.35 -21.03
N ARG B 212 -18.82 20.13 -21.31
CA ARG B 212 -19.43 18.95 -20.70
C ARG B 212 -19.17 18.88 -19.18
N LYS B 213 -17.97 19.30 -18.75
CA LYS B 213 -17.58 19.22 -17.34
C LYS B 213 -18.51 20.08 -16.48
N LYS B 214 -18.84 21.26 -16.99
CA LYS B 214 -19.81 22.15 -16.35
C LYS B 214 -21.18 21.49 -16.19
N GLU B 215 -21.68 20.86 -17.27
CA GLU B 215 -22.96 20.19 -17.26
C GLU B 215 -22.97 19.01 -16.32
N ILE B 216 -21.89 18.22 -16.32
CA ILE B 216 -21.71 17.14 -15.38
C ILE B 216 -21.64 17.64 -13.91
N TYR B 217 -20.86 18.69 -13.63
CA TYR B 217 -20.84 19.22 -12.23
C TYR B 217 -22.26 19.67 -11.74
N GLU B 218 -23.04 20.28 -12.65
CA GLU B 218 -24.42 20.68 -12.34
C GLU B 218 -25.27 19.48 -11.99
N LEU B 219 -25.15 18.37 -12.73
CA LEU B 219 -25.86 17.14 -12.36
C LEU B 219 -25.39 16.58 -11.05
N ALA B 220 -24.08 16.62 -10.80
CA ALA B 220 -23.55 16.15 -9.47
C ALA B 220 -24.08 16.97 -8.29
N ARG B 221 -24.24 18.27 -8.48
CA ARG B 221 -24.88 19.11 -7.47
C ARG B 221 -26.39 18.81 -7.31
N LYS B 222 -27.11 18.75 -8.42
CA LYS B 222 -28.59 18.51 -8.39
C LYS B 222 -28.98 17.19 -7.70
N TYR B 223 -28.23 16.13 -8.00
CA TYR B 223 -28.48 14.82 -7.35
C TYR B 223 -27.46 14.51 -6.25
N ASP B 224 -26.67 15.51 -5.91
CA ASP B 224 -25.78 15.45 -4.74
C ASP B 224 -24.89 14.20 -4.61
N PHE B 225 -24.03 14.00 -5.60
CA PHE B 225 -23.11 12.89 -5.51
C PHE B 225 -21.67 13.38 -5.64
N LEU B 226 -20.73 12.55 -5.21
CA LEU B 226 -19.32 12.89 -5.35
C LEU B 226 -18.80 12.65 -6.78
N ILE B 227 -17.79 13.40 -7.19
CA ILE B 227 -17.06 13.17 -8.42
C ILE B 227 -15.65 12.69 -8.12
N ILE B 228 -15.32 11.55 -8.66
CA ILE B 228 -13.96 11.16 -8.50
C ILE B 228 -13.14 11.28 -9.79
N GLU B 229 -12.25 12.27 -9.77
CA GLU B 229 -11.48 12.71 -10.95
C GLU B 229 -10.12 11.97 -10.91
N ASP B 230 -10.05 10.89 -11.68
CA ASP B 230 -8.83 10.09 -11.84
C ASP B 230 -8.10 10.62 -13.07
N ASP B 231 -7.01 11.35 -12.88
CA ASP B 231 -6.47 12.18 -13.94
C ASP B 231 -4.94 12.01 -14.11
N PRO B 232 -4.48 10.75 -14.34
CA PRO B 232 -3.05 10.44 -14.47
C PRO B 232 -2.39 11.02 -15.70
N TYR B 233 -3.18 11.22 -16.75
CA TYR B 233 -2.73 11.81 -18.02
C TYR B 233 -2.92 13.32 -18.15
N TYR B 234 -3.08 14.01 -17.02
CA TYR B 234 -3.31 15.47 -16.97
C TYR B 234 -2.20 16.31 -17.60
N PHE B 235 -0.95 15.95 -17.30
CA PHE B 235 0.16 16.68 -17.85
C PHE B 235 0.54 16.19 -19.28
N LEU B 236 -0.18 15.21 -19.80
CA LEU B 236 0.06 14.69 -21.14
C LEU B 236 -0.99 15.16 -22.19
N GLN B 237 -1.43 16.41 -22.11
CA GLN B 237 -2.43 16.95 -23.05
C GLN B 237 -1.76 17.51 -24.31
N PHE B 238 -2.08 16.92 -25.45
CA PHE B 238 -1.43 17.29 -26.71
C PHE B 238 -1.83 18.72 -27.14
N ASN B 239 -3.09 19.05 -26.87
CA ASN B 239 -3.62 20.39 -26.99
C ASN B 239 -3.01 21.20 -25.85
N LYS B 240 -1.79 21.68 -26.08
CA LYS B 240 -0.93 22.28 -25.04
C LYS B 240 -1.55 23.43 -24.22
N PHE B 241 -2.88 23.61 -24.34
CA PHE B 241 -3.66 24.38 -23.35
C PHE B 241 -4.64 23.48 -22.59
N ARG B 242 -4.40 23.37 -21.29
CA ARG B 242 -5.12 22.41 -20.48
C ARG B 242 -6.53 22.88 -20.07
N VAL B 243 -7.51 22.02 -20.27
CA VAL B 243 -8.90 22.29 -19.87
C VAL B 243 -9.07 22.35 -18.34
N PRO B 244 -9.86 23.33 -17.82
CA PRO B 244 -10.11 23.37 -16.38
C PRO B 244 -10.57 22.01 -15.85
N THR B 245 -10.10 21.66 -14.66
CA THR B 245 -10.46 20.37 -14.05
C THR B 245 -11.72 20.50 -13.25
N PHE B 246 -12.32 19.38 -12.89
CA PHE B 246 -13.43 19.38 -11.89
C PHE B 246 -13.01 20.02 -10.57
N LEU B 247 -11.79 19.74 -10.16
CA LEU B 247 -11.29 20.37 -8.93
C LEU B 247 -11.37 21.91 -9.00
N SER B 248 -11.00 22.48 -10.14
CA SER B 248 -10.99 23.95 -10.28
C SER B 248 -12.40 24.59 -10.19
N MET B 249 -13.45 23.77 -10.37
CA MET B 249 -14.81 24.31 -10.34
C MET B 249 -15.60 23.81 -9.11
N ASP B 250 -14.88 23.22 -8.14
CA ASP B 250 -15.48 22.54 -7.04
C ASP B 250 -16.07 23.41 -5.93
N VAL B 251 -17.07 24.22 -6.24
CA VAL B 251 -17.71 25.12 -5.26
C VAL B 251 -18.27 24.32 -4.08
N ASP B 252 -18.76 23.10 -4.33
CA ASP B 252 -19.43 22.33 -3.25
C ASP B 252 -18.53 21.44 -2.36
N GLY B 253 -17.24 21.29 -2.70
CA GLY B 253 -16.41 20.32 -2.01
C GLY B 253 -16.89 18.87 -2.25
N ARG B 254 -17.25 18.53 -3.50
CA ARG B 254 -17.74 17.17 -3.82
C ARG B 254 -16.72 16.39 -4.71
N VAL B 255 -15.54 16.98 -4.96
CA VAL B 255 -14.58 16.38 -5.88
C VAL B 255 -13.42 15.80 -5.10
N ILE B 256 -13.10 14.55 -5.39
CA ILE B 256 -11.82 13.95 -4.95
C ILE B 256 -11.00 13.69 -6.23
N ARG B 257 -9.79 14.22 -6.24
CA ARG B 257 -8.92 14.10 -7.40
C ARG B 257 -7.67 13.27 -7.06
N ALA B 258 -7.37 12.32 -7.94
CA ALA B 258 -6.13 11.53 -7.92
C ALA B 258 -5.21 12.02 -9.05
N ASP B 259 -3.97 12.36 -8.69
CA ASP B 259 -2.97 12.79 -9.66
C ASP B 259 -1.84 11.74 -9.55
N SER B 260 -1.07 11.61 -10.62
CA SER B 260 0.02 10.67 -10.69
C SER B 260 1.32 11.32 -11.24
N PHE B 261 2.45 10.94 -10.64
CA PHE B 261 3.76 11.23 -11.23
C PHE B 261 4.22 10.06 -12.14
N SER B 262 3.44 8.98 -12.21
CA SER B 262 3.85 7.78 -12.94
C SER B 262 4.18 7.97 -14.43
N LYS B 263 3.54 8.92 -15.09
CA LYS B 263 3.74 9.05 -16.54
C LYS B 263 4.84 10.02 -16.87
N ILE B 264 5.14 10.92 -15.93
CA ILE B 264 6.03 12.01 -16.18
C ILE B 264 7.33 11.98 -15.39
N ILE B 265 7.33 11.31 -14.24
CA ILE B 265 8.52 11.27 -13.43
C ILE B 265 9.01 9.81 -13.22
N SER B 266 8.13 8.91 -12.72
CA SER B 266 8.48 7.50 -12.58
C SER B 266 7.30 6.69 -12.12
N SER B 267 6.99 5.64 -12.87
CA SER B 267 5.99 4.70 -12.43
C SER B 267 6.50 3.74 -11.31
N GLY B 268 7.74 3.30 -11.41
CA GLY B 268 8.33 2.38 -10.43
C GLY B 268 8.63 2.94 -9.05
N LEU B 269 8.77 4.25 -8.89
CA LEU B 269 8.92 4.81 -7.56
C LEU B 269 7.60 4.80 -6.71
N ARG B 270 6.43 4.58 -7.33
CA ARG B 270 5.16 4.46 -6.54
C ARG B 270 4.92 5.72 -5.68
N ILE B 271 4.76 6.87 -6.33
CA ILE B 271 4.48 8.15 -5.62
C ILE B 271 3.39 8.81 -6.41
N GLY B 272 2.21 8.96 -5.79
CA GLY B 272 1.11 9.75 -6.38
C GLY B 272 0.51 10.64 -5.29
N PHE B 273 -0.54 11.40 -5.62
CA PHE B 273 -1.19 12.26 -4.61
C PHE B 273 -2.72 12.35 -4.75
N LEU B 274 -3.38 12.47 -3.62
CA LEU B 274 -4.84 12.52 -3.57
C LEU B 274 -5.18 13.87 -3.02
N THR B 275 -6.13 14.58 -3.65
CA THR B 275 -6.52 15.92 -3.24
C THR B 275 -8.06 15.94 -3.09
N GLY B 276 -8.56 16.52 -2.01
CA GLY B 276 -10.02 16.65 -1.84
C GLY B 276 -10.42 17.12 -0.46
N PRO B 277 -11.72 16.94 -0.10
CA PRO B 277 -12.27 17.46 1.17
C PRO B 277 -11.50 16.86 2.33
N LYS B 278 -11.09 17.70 3.25
CA LYS B 278 -10.36 17.28 4.41
C LYS B 278 -10.91 16.09 5.22
N PRO B 279 -12.23 16.05 5.53
CA PRO B 279 -12.72 14.85 6.25
C PRO B 279 -12.54 13.53 5.47
N LEU B 280 -12.56 13.55 4.14
CA LEU B 280 -12.41 12.30 3.36
C LEU B 280 -10.93 11.97 3.27
N ILE B 281 -10.12 12.97 3.01
CA ILE B 281 -8.64 12.81 3.04
C ILE B 281 -8.20 12.23 4.39
N GLU B 282 -8.75 12.73 5.50
CA GLU B 282 -8.44 12.17 6.81
C GLU B 282 -8.79 10.66 6.93
N ARG B 283 -9.91 10.24 6.35
CA ARG B 283 -10.32 8.81 6.39
C ARG B 283 -9.32 7.98 5.62
N VAL B 284 -8.84 8.50 4.48
CA VAL B 284 -7.83 7.79 3.67
C VAL B 284 -6.47 7.68 4.41
N ILE B 285 -6.01 8.78 5.00
CA ILE B 285 -4.77 8.74 5.80
C ILE B 285 -4.86 7.73 6.98
N LEU B 286 -5.98 7.70 7.68
CA LEU B 286 -6.13 6.72 8.74
C LEU B 286 -6.04 5.28 8.17
N HIS B 287 -6.59 5.04 6.97
CA HIS B 287 -6.47 3.67 6.39
C HIS B 287 -5.00 3.37 5.96
N ILE B 288 -4.36 4.32 5.31
CA ILE B 288 -2.95 4.13 5.07
C ILE B 288 -2.06 3.96 6.33
N GLN B 289 -2.34 4.65 7.44
CA GLN B 289 -1.59 4.37 8.66
C GLN B 289 -1.57 2.89 9.12
N VAL B 290 -2.61 2.13 8.81
CA VAL B 290 -2.65 0.75 9.28
C VAL B 290 -2.30 -0.23 8.15
N SER B 291 -1.91 0.28 6.97
CA SER B 291 -1.51 -0.60 5.85
C SER B 291 -0.07 -0.32 5.41
N THR B 292 0.15 0.64 4.51
CA THR B 292 1.52 0.87 4.08
C THR B 292 2.33 1.70 5.06
N LEU B 293 1.68 2.25 6.11
CA LEU B 293 2.26 3.25 7.03
C LEU B 293 2.65 4.57 6.41
N HIS B 294 3.40 4.54 5.31
CA HIS B 294 3.77 5.79 4.65
C HIS B 294 4.37 5.45 3.29
N PRO B 295 4.38 6.40 2.33
CA PRO B 295 5.08 6.10 1.11
C PRO B 295 6.59 6.17 1.35
N SER B 296 7.34 5.39 0.58
CA SER B 296 8.78 5.24 0.81
C SER B 296 9.45 6.58 1.05
N THR B 297 10.19 6.71 2.16
CA THR B 297 10.75 8.03 2.41
C THR B 297 11.89 8.39 1.43
N PHE B 298 12.66 7.38 1.01
CA PHE B 298 13.76 7.55 0.07
C PHE B 298 13.25 8.10 -1.29
N ASN B 299 12.18 7.50 -1.82
CA ASN B 299 11.65 7.87 -3.11
C ASN B 299 10.98 9.28 -3.09
N GLN B 300 10.39 9.64 -1.95
CA GLN B 300 9.79 10.99 -1.72
C GLN B 300 10.85 12.05 -1.73
N LEU B 301 11.94 11.80 -1.01
CA LEU B 301 13.11 12.67 -1.04
C LEU B 301 13.73 12.83 -2.42
N MET B 302 13.96 11.75 -3.15
CA MET B 302 14.41 11.87 -4.53
C MET B 302 13.54 12.86 -5.31
N ILE B 303 12.23 12.65 -5.28
CA ILE B 303 11.32 13.44 -6.08
C ILE B 303 11.31 14.89 -5.63
N SER B 304 11.29 15.08 -4.32
CA SER B 304 11.14 16.40 -3.75
C SER B 304 12.37 17.30 -3.98
N GLN B 305 13.57 16.71 -3.90
CA GLN B 305 14.82 17.37 -4.31
C GLN B 305 14.77 17.82 -5.78
N LEU B 306 14.35 16.93 -6.67
CA LEU B 306 14.23 17.23 -8.08
C LEU B 306 13.29 18.44 -8.31
N LEU B 307 12.10 18.36 -7.72
CA LEU B 307 11.07 19.36 -7.89
C LEU B 307 11.48 20.72 -7.32
N HIS B 308 12.05 20.74 -6.11
CA HIS B 308 12.55 21.98 -5.51
C HIS B 308 13.72 22.56 -6.27
N GLU B 309 14.55 21.71 -6.88
CA GLU B 309 15.66 22.23 -7.67
C GLU B 309 15.17 22.81 -9.00
N TRP B 310 14.30 22.09 -9.71
CA TRP B 310 13.65 22.55 -10.94
C TRP B 310 12.84 23.85 -10.77
N GLY B 311 12.15 23.98 -9.63
CA GLY B 311 11.12 24.99 -9.47
C GLY B 311 10.10 24.94 -10.61
N GLU B 312 9.40 26.05 -10.83
CA GLU B 312 8.35 26.00 -11.82
C GLU B 312 8.87 26.06 -13.26
N GLU B 313 10.02 26.69 -13.46
CA GLU B 313 10.62 26.70 -14.79
C GLU B 313 11.09 25.29 -15.21
N GLY B 314 11.83 24.60 -14.34
CA GLY B 314 12.22 23.22 -14.61
C GLY B 314 11.02 22.29 -14.80
N PHE B 315 10.06 22.38 -13.90
CA PHE B 315 8.93 21.46 -13.94
C PHE B 315 8.12 21.61 -15.23
N MET B 316 7.73 22.84 -15.59
CA MET B 316 6.98 23.02 -16.85
C MET B 316 7.85 22.79 -18.07
N ALA B 317 9.16 22.99 -17.95
CA ALA B 317 10.08 22.64 -19.03
C ALA B 317 10.14 21.14 -19.27
N HIS B 318 10.15 20.36 -18.18
CA HIS B 318 10.10 18.91 -18.28
C HIS B 318 8.80 18.42 -18.92
N VAL B 319 7.66 18.92 -18.46
CA VAL B 319 6.40 18.40 -19.03
C VAL B 319 6.28 18.78 -20.51
N ASP B 320 6.63 20.02 -20.84
CA ASP B 320 6.73 20.44 -22.26
C ASP B 320 7.56 19.44 -23.07
N ARG B 321 8.74 19.10 -22.58
CA ARG B 321 9.57 18.11 -23.29
C ARG B 321 8.89 16.77 -23.43
N VAL B 322 8.21 16.28 -22.37
CA VAL B 322 7.56 14.95 -22.50
C VAL B 322 6.28 14.95 -23.33
N ILE B 323 5.51 16.03 -23.24
CA ILE B 323 4.35 16.24 -24.14
C ILE B 323 4.84 16.18 -25.59
N ASP B 324 5.91 16.93 -25.88
CA ASP B 324 6.43 16.96 -27.23
C ASP B 324 6.84 15.58 -27.71
N PHE B 325 7.49 14.81 -26.84
CA PHE B 325 7.78 13.42 -27.20
C PHE B 325 6.52 12.60 -27.52
N TYR B 326 5.56 12.55 -26.59
CA TYR B 326 4.36 11.75 -26.81
C TYR B 326 3.52 12.31 -27.96
N SER B 327 3.60 13.61 -28.20
CA SER B 327 2.86 14.22 -29.34
C SER B 327 3.42 13.69 -30.69
N ASN B 328 4.74 13.56 -30.76
CA ASN B 328 5.42 13.00 -31.92
C ASN B 328 5.11 11.53 -32.12
N GLN B 329 5.09 10.79 -31.01
CA GLN B 329 4.68 9.39 -31.06
C GLN B 329 3.24 9.24 -31.56
N LYS B 330 2.40 10.20 -31.15
CA LYS B 330 0.98 10.21 -31.55
C LYS B 330 0.85 10.40 -33.07
N ASP B 331 1.62 11.33 -33.62
CA ASP B 331 1.63 11.59 -35.06
C ASP B 331 2.15 10.38 -35.80
N ALA B 332 3.23 9.79 -35.29
CA ALA B 332 3.78 8.59 -35.90
C ALA B 332 2.77 7.46 -35.95
N ILE B 333 2.01 7.22 -34.88
CA ILE B 333 1.06 6.11 -34.89
C ILE B 333 -0.19 6.35 -35.75
N LEU B 334 -0.57 7.61 -35.90
CA LEU B 334 -1.72 7.94 -36.71
C LEU B 334 -1.32 7.80 -38.19
N ALA B 335 -0.15 8.36 -38.54
CA ALA B 335 0.47 8.15 -39.84
C ALA B 335 0.61 6.68 -40.20
N ALA B 336 0.90 5.83 -39.22
CA ALA B 336 0.92 4.39 -39.46
C ALA B 336 -0.48 3.79 -39.54
N ALA B 337 -1.44 4.33 -38.79
CA ALA B 337 -2.83 3.85 -38.89
C ALA B 337 -3.49 4.28 -40.21
N ASP B 338 -3.19 5.49 -40.66
CA ASP B 338 -3.62 5.97 -41.98
C ASP B 338 -3.03 5.13 -43.12
N LYS B 339 -1.75 4.78 -43.02
CA LYS B 339 -1.04 4.14 -44.11
C LYS B 339 -1.47 2.70 -44.41
N TRP B 340 -1.94 1.98 -43.40
CA TRP B 340 -2.18 0.53 -43.54
C TRP B 340 -3.58 0.09 -43.14
N LEU B 341 -4.39 1.02 -42.65
CA LEU B 341 -5.60 0.65 -41.90
C LEU B 341 -6.89 1.36 -42.30
N THR B 342 -6.77 2.51 -42.98
CA THR B 342 -7.93 3.31 -43.37
C THR B 342 -8.85 2.55 -44.33
N GLY B 343 -9.93 2.01 -43.77
CA GLY B 343 -10.81 1.11 -44.49
C GLY B 343 -11.22 -0.04 -43.61
N LEU B 344 -10.22 -0.82 -43.18
CA LEU B 344 -10.43 -2.00 -42.35
C LEU B 344 -10.81 -1.70 -40.89
N ALA B 345 -10.45 -0.52 -40.40
CA ALA B 345 -10.74 -0.12 -39.00
C ALA B 345 -11.16 1.36 -38.81
N GLU B 346 -11.75 1.67 -37.65
CA GLU B 346 -12.03 3.07 -37.28
C GLU B 346 -11.30 3.48 -35.99
N TRP B 347 -10.93 4.76 -35.89
CA TRP B 347 -10.29 5.30 -34.68
C TRP B 347 -10.46 6.81 -34.52
N HIS B 348 -10.54 7.29 -33.29
CA HIS B 348 -10.53 8.71 -33.01
C HIS B 348 -9.11 9.12 -32.71
N VAL B 349 -8.79 10.37 -33.03
CA VAL B 349 -7.52 10.97 -32.69
C VAL B 349 -7.48 11.17 -31.16
N PRO B 350 -6.43 10.65 -30.48
CA PRO B 350 -6.28 10.86 -29.02
C PRO B 350 -5.98 12.30 -28.63
N ALA B 351 -6.73 12.82 -27.65
CA ALA B 351 -6.48 14.16 -27.12
C ALA B 351 -5.33 14.23 -26.09
N ALA B 352 -5.03 13.10 -25.46
CA ALA B 352 -3.98 13.01 -24.44
C ALA B 352 -3.63 11.55 -24.14
N GLY B 353 -2.60 11.34 -23.33
CA GLY B 353 -2.24 9.98 -22.91
C GLY B 353 -1.29 9.26 -23.87
N MET B 354 -1.42 7.95 -23.96
CA MET B 354 -0.44 7.15 -24.68
C MET B 354 -1.06 6.02 -25.46
N PHE B 355 -2.39 6.06 -25.66
CA PHE B 355 -3.12 4.97 -26.31
C PHE B 355 -3.94 5.41 -27.53
N LEU B 356 -4.00 4.50 -28.50
CA LEU B 356 -4.93 4.55 -29.64
C LEU B 356 -5.91 3.38 -29.51
N TRP B 357 -7.20 3.68 -29.63
CA TRP B 357 -8.28 2.70 -29.47
C TRP B 357 -8.80 2.43 -30.88
N ILE B 358 -8.70 1.19 -31.31
CA ILE B 358 -9.00 0.85 -32.70
C ILE B 358 -10.19 -0.06 -32.78
N LYS B 359 -11.22 0.34 -33.53
CA LYS B 359 -12.32 -0.58 -33.84
C LYS B 359 -12.02 -1.28 -35.16
N VAL B 360 -11.85 -2.59 -35.12
CA VAL B 360 -11.68 -3.35 -36.38
C VAL B 360 -13.06 -3.80 -36.88
N LYS B 361 -13.37 -3.36 -38.10
CA LYS B 361 -14.75 -3.31 -38.59
C LYS B 361 -15.38 -4.65 -38.95
N GLY B 362 -14.55 -5.65 -39.26
CA GLY B 362 -15.05 -6.92 -39.75
C GLY B 362 -15.83 -7.77 -38.75
N ILE B 363 -15.16 -8.11 -37.64
CA ILE B 363 -15.58 -9.20 -36.73
C ILE B 363 -16.18 -8.74 -35.40
N ASN B 364 -16.89 -9.65 -34.74
CA ASN B 364 -17.58 -9.40 -33.48
C ASN B 364 -16.61 -9.34 -32.30
N ASP B 365 -15.58 -10.19 -32.36
CA ASP B 365 -14.60 -10.32 -31.28
C ASP B 365 -13.19 -10.36 -31.84
N VAL B 366 -12.33 -9.51 -31.30
CA VAL B 366 -10.99 -9.31 -31.84
C VAL B 366 -10.00 -10.35 -31.29
N LYS B 367 -10.37 -11.01 -30.20
CA LYS B 367 -9.54 -12.04 -29.55
C LYS B 367 -9.18 -13.21 -30.47
N GLU B 368 -10.01 -13.46 -31.47
CA GLU B 368 -9.72 -14.45 -32.50
C GLU B 368 -8.40 -14.17 -33.19
N LEU B 369 -8.32 -13.01 -33.86
CA LEU B 369 -7.22 -12.68 -34.75
C LEU B 369 -6.05 -11.89 -34.14
N ILE B 370 -6.07 -11.69 -32.81
CA ILE B 370 -5.02 -10.92 -32.15
C ILE B 370 -4.23 -11.75 -31.13
N GLU B 371 -4.83 -12.84 -30.66
CA GLU B 371 -4.21 -13.68 -29.67
C GLU B 371 -3.57 -14.91 -30.32
N GLU B 372 -4.41 -15.78 -30.87
CA GLU B 372 -3.96 -17.00 -31.55
C GLU B 372 -3.19 -16.74 -32.85
N LYS B 373 -3.56 -15.67 -33.56
CA LYS B 373 -3.12 -15.49 -34.94
C LYS B 373 -2.16 -14.31 -35.14
N ALA B 374 -2.15 -13.36 -34.20
CA ALA B 374 -1.22 -12.21 -34.25
C ALA B 374 0.06 -12.42 -33.43
N VAL B 375 -0.04 -13.24 -32.38
CA VAL B 375 1.12 -13.70 -31.61
C VAL B 375 1.96 -14.67 -32.47
N LYS B 376 1.29 -15.43 -33.31
CA LYS B 376 1.98 -16.33 -34.25
C LYS B 376 2.45 -15.59 -35.50
N MET B 377 2.28 -14.27 -35.51
CA MET B 377 2.90 -13.39 -36.50
C MET B 377 4.10 -12.70 -35.87
N GLY B 378 3.87 -11.64 -35.10
CA GLY B 378 4.95 -10.87 -34.47
C GLY B 378 4.63 -9.57 -33.75
N VAL B 379 3.34 -9.22 -33.68
CA VAL B 379 2.92 -8.00 -32.98
C VAL B 379 1.91 -8.31 -31.87
N LEU B 380 1.91 -7.45 -30.85
CA LEU B 380 0.97 -7.56 -29.75
C LEU B 380 0.18 -6.27 -29.57
N MET B 381 -1.14 -6.39 -29.59
CA MET B 381 -2.04 -5.36 -29.12
C MET B 381 -3.00 -5.99 -28.12
N LEU B 382 -3.75 -5.16 -27.41
CA LEU B 382 -4.59 -5.64 -26.34
C LEU B 382 -6.07 -5.66 -26.70
N PRO B 383 -6.70 -6.84 -26.60
CA PRO B 383 -8.14 -6.98 -26.75
C PRO B 383 -8.91 -6.07 -25.78
N GLY B 384 -9.88 -5.33 -26.32
CA GLY B 384 -10.72 -4.39 -25.55
C GLY B 384 -11.60 -4.97 -24.46
N ASN B 385 -11.75 -6.30 -24.48
CA ASN B 385 -12.47 -7.04 -23.44
C ASN B 385 -12.17 -6.61 -21.99
N ALA B 386 -10.90 -6.31 -21.71
CA ALA B 386 -10.45 -6.06 -20.33
C ALA B 386 -11.08 -4.79 -19.74
N PHE B 387 -11.59 -3.92 -20.62
CA PHE B 387 -12.08 -2.59 -20.20
C PHE B 387 -13.59 -2.43 -20.04
N TYR B 388 -14.28 -3.55 -19.85
CA TYR B 388 -15.71 -3.52 -19.64
C TYR B 388 -16.02 -4.34 -18.43
N VAL B 389 -17.10 -3.96 -17.74
CA VAL B 389 -17.62 -4.72 -16.62
C VAL B 389 -17.86 -6.20 -17.01
N ASP B 390 -18.43 -6.41 -18.19
CA ASP B 390 -18.57 -7.77 -18.74
C ASP B 390 -17.44 -8.00 -19.71
N SER B 391 -16.35 -8.56 -19.20
CA SER B 391 -15.15 -8.76 -19.99
C SER B 391 -15.22 -10.04 -20.80
N SER B 392 -16.29 -10.82 -20.60
CA SER B 392 -16.50 -12.05 -21.38
C SER B 392 -17.17 -11.73 -22.70
N ALA B 393 -18.08 -10.76 -22.70
CA ALA B 393 -18.67 -10.25 -23.93
C ALA B 393 -17.62 -9.87 -25.00
N PRO B 394 -17.93 -10.16 -26.27
CA PRO B 394 -17.07 -9.91 -27.44
C PRO B 394 -16.77 -8.44 -27.64
N SER B 395 -15.56 -8.16 -28.15
CA SER B 395 -15.09 -6.78 -28.37
C SER B 395 -14.27 -6.64 -29.69
N PRO B 396 -14.74 -5.81 -30.63
CA PRO B 396 -14.02 -5.49 -31.87
C PRO B 396 -12.86 -4.51 -31.68
N TYR B 397 -12.68 -4.02 -30.46
CA TYR B 397 -11.66 -3.00 -30.18
C TYR B 397 -10.30 -3.57 -29.79
N LEU B 398 -9.25 -2.88 -30.18
CA LEU B 398 -7.91 -3.12 -29.69
C LEU B 398 -7.33 -1.83 -29.13
N ARG B 399 -6.56 -1.95 -28.05
CA ARG B 399 -5.81 -0.84 -27.53
C ARG B 399 -4.36 -0.98 -27.98
N ALA B 400 -3.83 0.09 -28.59
CA ALA B 400 -2.43 0.16 -29.04
C ALA B 400 -1.73 1.28 -28.31
N SER B 401 -0.59 1.00 -27.68
CA SER B 401 0.19 2.04 -27.06
C SER B 401 1.16 2.70 -28.04
N PHE B 402 1.30 4.01 -27.92
CA PHE B 402 2.36 4.71 -28.64
C PHE B 402 3.47 5.31 -27.76
N SER B 403 3.60 4.83 -26.53
CA SER B 403 4.64 5.34 -25.62
C SER B 403 6.08 5.00 -26.04
N SER B 404 6.27 3.85 -26.66
CA SER B 404 7.62 3.26 -26.74
C SER B 404 8.17 3.07 -28.15
N ALA B 405 7.44 2.26 -28.92
CA ALA B 405 7.82 1.81 -30.27
C ALA B 405 8.17 2.94 -31.22
N SER B 406 9.22 2.71 -32.01
CA SER B 406 9.69 3.63 -33.04
C SER B 406 8.66 3.72 -34.17
N PRO B 407 8.72 4.79 -34.99
CA PRO B 407 7.97 4.84 -36.26
C PRO B 407 8.19 3.56 -37.07
N GLU B 408 9.43 3.06 -37.06
CA GLU B 408 9.82 1.82 -37.73
C GLU B 408 8.96 0.64 -37.32
N GLN B 409 9.04 0.30 -36.04
CA GLN B 409 8.27 -0.79 -35.45
C GLN B 409 6.77 -0.66 -35.69
N MET B 410 6.24 0.55 -35.50
CA MET B 410 4.82 0.83 -35.74
C MET B 410 4.41 0.49 -37.16
N ASP B 411 5.21 0.99 -38.10
CA ASP B 411 4.99 0.77 -39.53
C ASP B 411 4.74 -0.72 -39.79
N VAL B 412 5.66 -1.55 -39.29
CA VAL B 412 5.54 -3.00 -39.40
C VAL B 412 4.34 -3.54 -38.60
N ALA B 413 4.16 -3.06 -37.38
CA ALA B 413 3.10 -3.57 -36.53
C ALA B 413 1.72 -3.48 -37.18
N PHE B 414 1.42 -2.34 -37.81
CA PHE B 414 0.12 -2.11 -38.44
C PHE B 414 0.02 -2.77 -39.81
N GLN B 415 1.17 -2.89 -40.49
CA GLN B 415 1.30 -3.73 -41.67
C GLN B 415 0.84 -5.17 -41.37
N VAL B 416 1.42 -5.78 -40.33
CA VAL B 416 1.07 -7.13 -39.90
C VAL B 416 -0.41 -7.26 -39.53
N LEU B 417 -0.88 -6.34 -38.70
CA LEU B 417 -2.28 -6.28 -38.28
C LEU B 417 -3.20 -6.13 -39.48
N ALA B 418 -2.82 -5.24 -40.41
CA ALA B 418 -3.60 -4.95 -41.61
C ALA B 418 -3.87 -6.18 -42.46
N GLN B 419 -2.90 -7.08 -42.50
CA GLN B 419 -3.02 -8.35 -43.22
C GLN B 419 -3.95 -9.29 -42.47
N LEU B 420 -3.69 -9.45 -41.18
CA LEU B 420 -4.48 -10.35 -40.32
C LEU B 420 -5.96 -10.07 -40.38
N ILE B 421 -6.32 -8.79 -40.47
CA ILE B 421 -7.72 -8.39 -40.63
C ILE B 421 -8.26 -8.91 -41.96
N LYS B 422 -7.46 -8.74 -43.03
CA LYS B 422 -7.87 -9.04 -44.41
C LYS B 422 -8.05 -10.53 -44.72
N GLU B 423 -7.60 -11.37 -43.80
CA GLU B 423 -7.71 -12.81 -43.99
C GLU B 423 -9.00 -13.40 -43.36
N SER B 424 -9.53 -12.72 -42.34
CA SER B 424 -10.72 -13.20 -41.64
C SER B 424 -12.02 -12.58 -42.16
N LEU B 425 -11.95 -11.92 -43.32
CA LEU B 425 -13.10 -11.23 -43.91
C LEU B 425 -13.65 -11.91 -45.18
#